data_3F7T
#
_entry.id   3F7T
#
_cell.length_a   83.470
_cell.length_b   83.470
_cell.length_c   215.450
_cell.angle_alpha   90.00
_cell.angle_beta   90.00
_cell.angle_gamma   120.00
#
_symmetry.space_group_name_H-M   'P 32 2 1'
#
loop_
_entity.id
_entity.type
_entity.pdbx_description
1 polymer '4-hydroxy-3-methylbut-2-enyl diphosphate reductase'
2 non-polymer 'FE3-S4 CLUSTER'
3 non-polymer 'PYROPHOSPHATE 2-'
4 non-polymer 'PHOSPHATE ION'
5 water water
#
_entity_poly.entity_id   1
_entity_poly.type   'polypeptide(L)'
_entity_poly.pdbx_seq_one_letter_code
;MRGSHHHHHHGSMQILLANPRGFCAGVDRAISIVENALAIYGAPIYVRHEVVHNRYVVDSLRERGAIFIEQISEVPDGAI
LIFSAHGVSQAVRNEAKSRDLTVFDATCPLVTKVHMEVARASRRGEESILIGHAGHPEVEGTMGQYSNPEGGMYLVESPD
DVWKLTVKNEEKLSFMTQTTLSVDDTSDVIDALRKRFPKIVGPRKDDICYATTNRQEAVRALAEQAEVVLVVGSKNSSNS
NRLAELAQRMGKRAFLIDDAKDIQEEWVKEVKCVGVTAGASAPDILVQNVVARLQQLGGGEAIPLEGREENIVFEVPKEL
RVDIREVD
;
_entity_poly.pdbx_strand_id   A,B
#
loop_
_chem_comp.id
_chem_comp.type
_chem_comp.name
_chem_comp.formula
F3S non-polymer 'FE3-S4 CLUSTER' 'Fe3 S4'
PO4 non-polymer 'PHOSPHATE ION' 'O4 P -3'
POP non-polymer 'PYROPHOSPHATE 2-' 'H2 O7 P2 -2'
#
# COMPACT_ATOMS: atom_id res chain seq x y z
N MET A 13 17.22 -17.71 31.88
CA MET A 13 17.18 -17.66 30.38
C MET A 13 16.24 -16.57 29.86
N GLN A 14 16.79 -15.70 29.01
CA GLN A 14 16.08 -14.56 28.48
C GLN A 14 15.20 -14.97 27.30
N ILE A 15 13.97 -14.46 27.26
CA ILE A 15 13.06 -14.72 26.16
C ILE A 15 12.73 -13.43 25.44
N LEU A 16 13.08 -13.34 24.16
CA LEU A 16 12.78 -12.14 23.37
C LEU A 16 11.71 -12.41 22.33
N LEU A 17 10.84 -11.43 22.14
CA LEU A 17 9.78 -11.47 21.11
C LEU A 17 10.09 -10.48 20.01
N ALA A 18 10.13 -10.96 18.77
CA ALA A 18 10.30 -10.06 17.63
C ALA A 18 9.03 -9.21 17.36
N ASN A 19 9.24 -8.03 16.81
CA ASN A 19 8.15 -7.14 16.44
C ASN A 19 8.62 -6.34 15.25
N PRO A 20 7.83 -6.31 14.16
CA PRO A 20 6.58 -7.05 14.01
C PRO A 20 6.73 -8.56 13.79
N ARG A 21 5.63 -9.26 14.03
CA ARG A 21 5.57 -10.70 13.87
C ARG A 21 4.11 -11.02 13.61
N GLY A 22 3.84 -12.24 13.13
CA GLY A 22 2.48 -12.79 13.04
C GLY A 22 1.65 -12.08 12.00
N PHE A 23 0.33 -12.11 12.17
CA PHE A 23 -0.60 -11.75 11.09
C PHE A 23 -0.25 -10.46 10.39
N CYS A 24 -0.29 -10.51 9.06
CA CYS A 24 -0.17 -9.37 8.15
C CYS A 24 -1.56 -8.90 7.75
N ALA A 25 -1.66 -7.81 6.98
CA ALA A 25 -2.98 -7.25 6.69
C ALA A 25 -3.73 -8.16 5.72
N GLY A 26 -2.96 -8.80 4.84
CA GLY A 26 -3.57 -9.70 3.91
C GLY A 26 -4.14 -10.96 4.52
N VAL A 27 -3.41 -11.55 5.48
CA VAL A 27 -3.90 -12.71 6.23
C VAL A 27 -5.11 -12.33 7.10
N ASP A 28 -5.04 -11.20 7.79
CA ASP A 28 -6.23 -10.79 8.57
C ASP A 28 -7.50 -10.70 7.73
N ARG A 29 -7.37 -10.15 6.54
CA ARG A 29 -8.52 -9.98 5.66
C ARG A 29 -9.04 -11.33 5.13
N ALA A 30 -8.15 -12.18 4.67
CA ALA A 30 -8.49 -13.50 4.13
C ALA A 30 -9.24 -14.35 5.14
N ILE A 31 -8.75 -14.37 6.35
CA ILE A 31 -9.44 -15.06 7.44
C ILE A 31 -10.84 -14.45 7.70
N SER A 32 -10.92 -13.12 7.78
CA SER A 32 -12.24 -12.48 8.01
C SER A 32 -13.19 -12.74 6.86
N ILE A 33 -12.66 -12.86 5.64
CA ILE A 33 -13.51 -13.21 4.50
C ILE A 33 -14.19 -14.58 4.73
N VAL A 34 -13.42 -15.58 5.11
CA VAL A 34 -13.97 -16.90 5.41
C VAL A 34 -14.90 -16.88 6.63
N GLU A 35 -14.46 -16.25 7.71
CA GLU A 35 -15.29 -16.20 8.90
C GLU A 35 -16.62 -15.48 8.64
N ASN A 36 -16.59 -14.37 7.91
CA ASN A 36 -17.82 -13.60 7.59
C ASN A 36 -18.70 -14.27 6.58
N ALA A 37 -18.14 -14.94 5.59
CA ALA A 37 -18.98 -15.73 4.70
C ALA A 37 -19.71 -16.83 5.47
N LEU A 38 -19.05 -17.39 6.48
CA LEU A 38 -19.71 -18.44 7.28
C LEU A 38 -20.82 -17.86 8.16
N ALA A 39 -20.59 -16.67 8.68
CA ALA A 39 -21.58 -15.99 9.49
C ALA A 39 -22.82 -15.56 8.70
N ILE A 40 -22.60 -15.11 7.47
CA ILE A 40 -23.66 -14.61 6.58
C ILE A 40 -24.42 -15.76 5.89
N TYR A 41 -23.69 -16.79 5.45
CA TYR A 41 -24.32 -17.81 4.58
C TYR A 41 -24.52 -19.15 5.27
N GLY A 42 -23.90 -19.31 6.44
CA GLY A 42 -23.91 -20.59 7.09
C GLY A 42 -22.90 -21.50 6.39
N ALA A 43 -22.55 -22.59 7.06
CA ALA A 43 -21.74 -23.65 6.49
C ALA A 43 -22.55 -24.51 5.50
N PRO A 44 -21.88 -25.04 4.45
CA PRO A 44 -20.45 -24.93 4.13
C PRO A 44 -20.08 -23.72 3.28
N ILE A 45 -18.84 -23.29 3.46
CA ILE A 45 -18.23 -22.31 2.56
C ILE A 45 -17.02 -23.04 1.98
N TYR A 46 -16.94 -23.07 0.65
CA TYR A 46 -15.86 -23.79 -0.05
C TYR A 46 -14.73 -22.86 -0.27
N VAL A 47 -13.51 -23.30 0.00
CA VAL A 47 -12.35 -22.46 -0.15
C VAL A 47 -11.37 -23.24 -1.05
N ARG A 48 -10.89 -22.61 -2.10
CA ARG A 48 -9.96 -23.29 -2.98
C ARG A 48 -8.53 -23.23 -2.42
N HIS A 49 -8.03 -24.37 -1.96
CA HIS A 49 -6.75 -24.52 -1.25
C HIS A 49 -6.78 -23.78 0.10
N GLU A 50 -5.78 -24.05 0.93
CA GLU A 50 -5.73 -23.44 2.25
C GLU A 50 -5.80 -21.96 2.08
N VAL A 51 -6.70 -21.30 2.84
CA VAL A 51 -6.89 -19.86 2.74
C VAL A 51 -5.59 -19.09 3.05
N VAL A 52 -4.86 -19.55 4.07
CA VAL A 52 -3.49 -19.13 4.35
C VAL A 52 -2.72 -20.36 4.75
N HIS A 53 -1.39 -20.30 4.69
CA HIS A 53 -0.55 -21.49 4.96
C HIS A 53 -0.20 -21.64 6.42
N ASN A 54 -1.25 -21.87 7.21
CA ASN A 54 -1.12 -22.17 8.61
C ASN A 54 -2.13 -23.23 9.00
N ARG A 55 -1.64 -24.35 9.53
CA ARG A 55 -2.54 -25.46 9.79
C ARG A 55 -3.48 -25.26 10.96
N TYR A 56 -3.05 -24.49 11.96
CA TYR A 56 -3.92 -24.09 13.06
C TYR A 56 -5.11 -23.24 12.56
N VAL A 57 -4.83 -22.26 11.72
CA VAL A 57 -5.89 -21.45 11.15
C VAL A 57 -6.85 -22.27 10.27
N VAL A 58 -6.28 -23.13 9.43
CA VAL A 58 -7.06 -23.93 8.50
C VAL A 58 -7.92 -24.94 9.30
N ASP A 59 -7.34 -25.54 10.34
CA ASP A 59 -8.09 -26.50 11.16
C ASP A 59 -9.25 -25.81 11.82
N SER A 60 -9.01 -24.59 12.27
CA SER A 60 -10.04 -23.86 13.00
C SER A 60 -11.22 -23.45 12.09
N LEU A 61 -10.92 -23.01 10.85
CA LEU A 61 -11.99 -22.71 9.90
C LEU A 61 -12.76 -23.97 9.47
N ARG A 62 -12.05 -25.05 9.26
CA ARG A 62 -12.68 -26.29 8.86
C ARG A 62 -13.68 -26.79 9.93
N GLU A 63 -13.27 -26.69 11.19
CA GLU A 63 -14.15 -26.98 12.32
C GLU A 63 -15.42 -26.12 12.30
N ARG A 64 -15.30 -24.88 11.81
CA ARG A 64 -16.45 -23.99 11.77
C ARG A 64 -17.28 -24.08 10.47
N GLY A 65 -16.88 -24.95 9.54
CA GLY A 65 -17.69 -25.23 8.34
C GLY A 65 -17.11 -24.92 6.96
N ALA A 66 -15.84 -24.50 6.93
CA ALA A 66 -15.14 -24.29 5.66
C ALA A 66 -14.72 -25.61 5.12
N ILE A 67 -14.89 -25.81 3.81
CA ILE A 67 -14.42 -27.05 3.19
C ILE A 67 -13.36 -26.63 2.22
N PHE A 68 -12.14 -27.11 2.46
CA PHE A 68 -10.99 -26.77 1.62
C PHE A 68 -10.90 -27.79 0.49
N ILE A 69 -10.98 -27.29 -0.74
CA ILE A 69 -11.03 -28.16 -1.90
C ILE A 69 -9.84 -27.90 -2.79
N GLU A 70 -9.65 -28.80 -3.75
CA GLU A 70 -8.49 -28.78 -4.63
C GLU A 70 -8.86 -28.08 -5.95
N GLN A 71 -10.00 -28.51 -6.48
CA GLN A 71 -10.40 -28.18 -7.83
C GLN A 71 -11.80 -27.62 -7.77
N ILE A 72 -12.08 -26.62 -8.61
CA ILE A 72 -13.39 -26.00 -8.69
C ILE A 72 -14.41 -27.07 -9.00
N SER A 73 -13.97 -28.11 -9.70
CA SER A 73 -14.73 -29.33 -10.05
C SER A 73 -15.52 -29.98 -8.92
N GLU A 74 -14.96 -29.86 -7.73
CA GLU A 74 -15.41 -30.55 -6.52
C GLU A 74 -16.48 -29.72 -5.83
N VAL A 75 -16.67 -28.49 -6.25
CA VAL A 75 -17.62 -27.58 -5.62
C VAL A 75 -18.96 -27.73 -6.34
N PRO A 76 -20.04 -28.04 -5.58
CA PRO A 76 -21.38 -28.20 -6.19
C PRO A 76 -21.99 -26.88 -6.67
N ASP A 77 -22.84 -26.93 -7.69
CA ASP A 77 -23.54 -25.73 -8.11
C ASP A 77 -24.23 -25.06 -6.94
N GLY A 78 -24.30 -23.74 -7.00
CA GLY A 78 -25.01 -22.96 -6.00
C GLY A 78 -24.22 -22.63 -4.76
N ALA A 79 -23.00 -23.12 -4.67
CA ALA A 79 -22.23 -22.91 -3.46
C ALA A 79 -21.53 -21.55 -3.48
N ILE A 80 -20.93 -21.26 -2.33
CA ILE A 80 -20.09 -20.10 -2.09
C ILE A 80 -18.64 -20.60 -2.14
N LEU A 81 -17.82 -19.94 -2.96
CA LEU A 81 -16.42 -20.35 -3.15
C LEU A 81 -15.49 -19.22 -2.82
N ILE A 82 -14.41 -19.51 -2.12
CA ILE A 82 -13.47 -18.45 -1.80
C ILE A 82 -12.06 -18.78 -2.34
N PHE A 83 -11.43 -17.78 -2.99
CA PHE A 83 -10.03 -17.89 -3.48
C PHE A 83 -9.10 -17.50 -2.31
N SER A 84 -7.97 -18.21 -2.19
CA SER A 84 -7.07 -18.06 -1.06
C SER A 84 -6.32 -16.73 -1.17
N ALA A 85 -5.64 -16.35 -0.10
CA ALA A 85 -4.82 -15.15 -0.10
C ALA A 85 -3.73 -15.06 -1.16
N HIS A 86 -3.28 -16.20 -1.66
CA HIS A 86 -2.12 -16.35 -2.59
C HIS A 86 -2.47 -16.00 -4.00
N GLY A 87 -3.77 -16.01 -4.28
CA GLY A 87 -4.25 -15.59 -5.60
C GLY A 87 -4.38 -16.81 -6.48
N VAL A 88 -4.99 -16.61 -7.65
CA VAL A 88 -5.27 -17.67 -8.61
C VAL A 88 -4.93 -17.13 -9.98
N SER A 89 -4.68 -18.03 -10.94
CA SER A 89 -4.45 -17.65 -12.31
C SER A 89 -5.77 -17.26 -12.97
N GLN A 90 -5.68 -16.61 -14.13
CA GLN A 90 -6.88 -16.29 -14.88
C GLN A 90 -7.67 -17.54 -15.28
N ALA A 91 -6.99 -18.66 -15.52
CA ALA A 91 -7.68 -19.88 -15.92
C ALA A 91 -8.64 -20.36 -14.83
N VAL A 92 -8.15 -20.37 -13.58
CA VAL A 92 -8.95 -20.74 -12.42
C VAL A 92 -10.05 -19.73 -12.18
N ARG A 93 -9.70 -18.46 -12.29
CA ARG A 93 -10.73 -17.42 -12.15
C ARG A 93 -11.83 -17.56 -13.22
N ASN A 94 -11.45 -17.84 -14.47
CA ASN A 94 -12.46 -18.04 -15.52
C ASN A 94 -13.28 -19.32 -15.38
N GLU A 95 -12.67 -20.38 -14.88
CA GLU A 95 -13.45 -21.59 -14.59
C GLU A 95 -14.57 -21.33 -13.55
N ALA A 96 -14.27 -20.62 -12.47
CA ALA A 96 -15.27 -20.31 -11.45
C ALA A 96 -16.36 -19.40 -12.05
N LYS A 97 -15.98 -18.47 -12.91
CA LYS A 97 -16.95 -17.57 -13.54
C LYS A 97 -17.98 -18.33 -14.37
N SER A 98 -17.54 -19.43 -14.97
CA SER A 98 -18.37 -20.18 -15.90
C SER A 98 -19.32 -21.10 -15.13
N ARG A 99 -19.06 -21.25 -13.83
CA ARG A 99 -19.89 -22.07 -12.95
C ARG A 99 -20.97 -21.24 -12.25
N ASP A 100 -22.02 -21.94 -11.87
CA ASP A 100 -23.08 -21.46 -10.99
C ASP A 100 -22.59 -21.37 -9.53
N LEU A 101 -21.66 -20.47 -9.27
CA LEU A 101 -21.05 -20.31 -7.93
C LEU A 101 -20.99 -18.84 -7.56
N THR A 102 -21.09 -18.55 -6.27
CA THR A 102 -20.82 -17.21 -5.78
C THR A 102 -19.39 -17.20 -5.27
N VAL A 103 -18.57 -16.35 -5.87
CA VAL A 103 -17.17 -16.29 -5.48
C VAL A 103 -16.79 -14.98 -4.85
N PHE A 104 -16.05 -15.10 -3.75
CA PHE A 104 -15.39 -13.98 -3.09
C PHE A 104 -13.89 -14.22 -3.17
N ASP A 105 -13.14 -13.18 -3.41
CA ASP A 105 -11.70 -13.33 -3.67
C ASP A 105 -10.88 -12.87 -2.47
N ALA A 106 -10.18 -13.77 -1.78
CA ALA A 106 -9.41 -13.28 -0.64
C ALA A 106 -7.98 -12.94 -0.99
N THR A 107 -7.65 -12.91 -2.30
CA THR A 107 -6.27 -12.60 -2.73
C THR A 107 -5.85 -11.31 -2.08
N CYS A 108 -4.64 -11.29 -1.50
CA CYS A 108 -4.10 -10.06 -0.92
C CYS A 108 -3.94 -9.01 -1.99
N PRO A 109 -4.37 -7.77 -1.69
CA PRO A 109 -4.17 -6.69 -2.64
C PRO A 109 -2.75 -6.50 -3.17
N LEU A 110 -1.76 -6.89 -2.37
CA LEU A 110 -0.36 -6.71 -2.69
C LEU A 110 0.12 -7.83 -3.63
N VAL A 111 -0.62 -8.93 -3.70
CA VAL A 111 -0.50 -9.88 -4.81
C VAL A 111 -1.21 -9.40 -6.08
N THR A 112 -2.46 -8.96 -5.96
CA THR A 112 -3.15 -8.40 -7.11
C THR A 112 -2.33 -7.31 -7.79
N LYS A 113 -1.60 -6.53 -6.99
CA LYS A 113 -0.79 -5.46 -7.56
C LYS A 113 0.22 -6.03 -8.58
N VAL A 114 0.79 -7.19 -8.24
CA VAL A 114 1.75 -7.84 -9.14
C VAL A 114 1.05 -8.42 -10.33
N HIS A 115 -0.10 -9.05 -10.09
CA HIS A 115 -0.91 -9.60 -11.17
C HIS A 115 -1.21 -8.55 -12.21
N MET A 116 -1.52 -7.33 -11.80
CA MET A 116 -1.85 -6.29 -12.77
C MET A 116 -0.69 -5.91 -13.67
N GLU A 117 0.52 -5.98 -13.14
CA GLU A 117 1.71 -5.68 -13.96
C GLU A 117 1.99 -6.77 -14.96
N VAL A 118 1.74 -8.01 -14.58
CA VAL A 118 1.99 -9.13 -15.47
C VAL A 118 1.00 -9.09 -16.63
N ALA A 119 -0.25 -8.74 -16.31
CA ALA A 119 -1.30 -8.56 -17.30
C ALA A 119 -1.01 -7.44 -18.32
N ARG A 120 -0.42 -6.34 -17.86
CA ARG A 120 -0.08 -5.23 -18.75
C ARG A 120 0.99 -5.67 -19.74
N ALA A 121 1.98 -6.40 -19.23
CA ALA A 121 3.07 -6.89 -20.05
C ALA A 121 2.54 -7.85 -21.11
N SER A 122 1.67 -8.75 -20.68
CA SER A 122 0.97 -9.67 -21.56
C SER A 122 0.23 -8.94 -22.72
N ARG A 123 -0.57 -7.91 -22.43
CA ARG A 123 -1.31 -7.24 -23.50
C ARG A 123 -0.36 -6.60 -24.50
N ARG A 124 0.79 -6.12 -23.99
CA ARG A 124 1.84 -5.52 -24.81
C ARG A 124 2.70 -6.53 -25.60
N GLY A 125 2.61 -7.81 -25.27
CA GLY A 125 3.41 -8.86 -25.95
C GLY A 125 4.88 -8.75 -25.59
N GLU A 126 5.16 -8.25 -24.40
CA GLU A 126 6.53 -8.08 -23.94
C GLU A 126 6.81 -9.08 -22.84
N GLU A 127 8.00 -9.65 -22.88
CA GLU A 127 8.37 -10.71 -21.96
C GLU A 127 8.55 -10.18 -20.55
N SER A 128 8.19 -11.03 -19.59
CA SER A 128 8.32 -10.69 -18.19
C SER A 128 9.03 -11.83 -17.50
N ILE A 129 9.74 -11.52 -16.42
CA ILE A 129 10.43 -12.52 -15.64
C ILE A 129 9.96 -12.35 -14.25
N LEU A 130 9.57 -13.46 -13.60
CA LEU A 130 9.13 -13.43 -12.21
C LEU A 130 10.19 -14.08 -11.35
N ILE A 131 10.61 -13.43 -10.28
CA ILE A 131 11.47 -14.08 -9.30
C ILE A 131 10.54 -14.73 -8.26
N GLY A 132 10.67 -16.04 -8.03
CA GLY A 132 9.83 -16.72 -7.03
C GLY A 132 10.28 -18.15 -6.91
N HIS A 133 9.46 -19.00 -6.29
CA HIS A 133 9.78 -20.39 -5.96
C HIS A 133 8.79 -21.25 -6.66
N ALA A 134 9.29 -22.13 -7.52
CA ALA A 134 8.46 -22.98 -8.35
C ALA A 134 7.59 -23.85 -7.46
N GLY A 135 6.30 -23.98 -7.84
CA GLY A 135 5.37 -24.85 -7.14
C GLY A 135 4.55 -24.07 -6.12
N HIS A 136 4.94 -22.83 -5.81
CA HIS A 136 4.20 -22.07 -4.79
C HIS A 136 2.89 -21.53 -5.41
N PRO A 137 1.76 -21.59 -4.67
CA PRO A 137 0.49 -21.13 -5.30
C PRO A 137 0.49 -19.69 -5.79
N GLU A 138 1.27 -18.82 -5.13
CA GLU A 138 1.34 -17.43 -5.54
C GLU A 138 1.99 -17.29 -6.91
N VAL A 139 3.02 -18.09 -7.13
CA VAL A 139 3.71 -18.17 -8.42
C VAL A 139 2.80 -18.74 -9.49
N GLU A 140 2.07 -19.80 -9.17
CA GLU A 140 1.14 -20.33 -10.18
C GLU A 140 0.15 -19.25 -10.63
N GLY A 141 -0.30 -18.45 -9.67
CA GLY A 141 -1.32 -17.42 -9.94
C GLY A 141 -0.74 -16.26 -10.67
N THR A 142 0.47 -15.84 -10.30
CA THR A 142 1.11 -14.68 -10.99
C THR A 142 1.54 -15.07 -12.42
N MET A 143 2.22 -16.21 -12.58
CA MET A 143 2.54 -16.67 -13.93
C MET A 143 1.25 -16.82 -14.75
N GLY A 144 0.17 -17.26 -14.12
CA GLY A 144 -1.13 -17.46 -14.81
C GLY A 144 -1.86 -16.17 -15.15
N GLN A 145 -1.22 -15.02 -14.99
CA GLN A 145 -1.79 -13.75 -15.48
C GLN A 145 -1.30 -13.47 -16.90
N TYR A 146 -0.32 -14.24 -17.35
CA TYR A 146 0.28 -14.00 -18.66
C TYR A 146 -0.27 -14.97 -19.68
N SER A 147 -0.65 -14.46 -20.86
CA SER A 147 -1.27 -15.26 -21.91
C SER A 147 -1.04 -14.69 -23.30
N ASN A 148 0.20 -14.46 -23.71
CA ASN A 148 0.49 -13.94 -25.06
C ASN A 148 1.68 -14.66 -25.69
N PRO A 149 1.44 -15.50 -26.72
CA PRO A 149 2.49 -16.26 -27.43
C PRO A 149 3.57 -15.39 -28.08
N GLU A 150 3.22 -14.15 -28.40
CA GLU A 150 4.18 -13.23 -28.97
C GLU A 150 5.21 -12.74 -27.97
N GLY A 151 4.86 -12.76 -26.69
CA GLY A 151 5.76 -12.42 -25.58
C GLY A 151 6.22 -13.69 -24.89
N GLY A 152 6.22 -13.67 -23.57
CA GLY A 152 6.68 -14.83 -22.80
C GLY A 152 6.77 -14.49 -21.33
N MET A 153 6.57 -15.48 -20.46
CA MET A 153 6.57 -15.29 -19.01
C MET A 153 7.52 -16.35 -18.45
N TYR A 154 8.60 -15.94 -17.80
CA TYR A 154 9.61 -16.89 -17.31
C TYR A 154 9.80 -16.78 -15.80
N LEU A 155 9.97 -17.92 -15.14
CA LEU A 155 10.27 -17.95 -13.69
C LEU A 155 11.76 -18.16 -13.43
N VAL A 156 12.29 -17.47 -12.45
CA VAL A 156 13.70 -17.54 -12.14
C VAL A 156 13.77 -17.67 -10.62
N GLU A 157 14.51 -18.65 -10.11
CA GLU A 157 14.58 -18.79 -8.65
C GLU A 157 15.88 -18.24 -8.07
N SER A 158 16.92 -18.18 -8.90
CA SER A 158 18.28 -18.00 -8.39
C SER A 158 19.08 -17.19 -9.42
N PRO A 159 20.22 -16.58 -9.03
CA PRO A 159 21.09 -15.96 -10.04
C PRO A 159 21.53 -16.88 -11.19
N ASP A 160 21.74 -18.17 -10.93
CA ASP A 160 22.11 -19.06 -12.03
C ASP A 160 21.00 -19.15 -13.05
N ASP A 161 19.75 -19.21 -12.56
CA ASP A 161 18.60 -19.28 -13.46
C ASP A 161 18.60 -18.12 -14.45
N VAL A 162 19.02 -16.95 -13.95
CA VAL A 162 19.15 -15.72 -14.74
C VAL A 162 20.18 -15.90 -15.84
N TRP A 163 21.34 -16.46 -15.53
CA TRP A 163 22.39 -16.63 -16.53
C TRP A 163 22.11 -17.72 -17.56
N LYS A 164 21.17 -18.60 -17.22
CA LYS A 164 20.73 -19.71 -18.05
C LYS A 164 19.71 -19.25 -19.07
N LEU A 165 18.96 -18.20 -18.75
CA LEU A 165 17.76 -17.80 -19.48
C LEU A 165 18.04 -17.21 -20.83
N THR A 166 17.25 -17.66 -21.82
CA THR A 166 17.24 -17.06 -23.15
C THR A 166 15.88 -16.37 -23.30
N VAL A 167 15.91 -15.17 -23.86
CA VAL A 167 14.79 -14.26 -23.99
C VAL A 167 14.71 -13.82 -25.50
N LYS A 168 13.51 -13.64 -26.04
CA LYS A 168 13.36 -13.27 -27.46
C LYS A 168 13.83 -11.86 -27.77
N ASN A 169 13.53 -10.92 -26.87
CA ASN A 169 13.88 -9.52 -27.11
C ASN A 169 14.25 -8.85 -25.81
N GLU A 170 15.54 -8.82 -25.52
CA GLU A 170 15.97 -8.29 -24.21
C GLU A 170 15.86 -6.77 -24.08
N GLU A 171 15.46 -6.09 -25.16
CA GLU A 171 15.23 -4.64 -25.19
C GLU A 171 13.83 -4.31 -24.68
N LYS A 172 12.95 -5.32 -24.69
CA LYS A 172 11.60 -5.20 -24.16
C LYS A 172 11.34 -6.28 -23.10
N LEU A 173 11.79 -6.03 -21.88
CA LEU A 173 11.83 -7.03 -20.84
C LEU A 173 11.53 -6.38 -19.51
N SER A 174 10.79 -7.06 -18.64
CA SER A 174 10.54 -6.51 -17.30
C SER A 174 10.46 -7.65 -16.31
N PHE A 175 10.58 -7.35 -15.03
CA PHE A 175 10.48 -8.38 -13.99
C PHE A 175 9.51 -8.01 -12.88
N MET A 176 9.17 -9.01 -12.08
CA MET A 176 8.23 -8.94 -10.97
C MET A 176 8.75 -9.95 -9.95
N THR A 177 8.31 -9.83 -8.71
CA THR A 177 8.74 -10.80 -7.68
C THR A 177 7.53 -11.33 -6.91
N GLN A 178 7.70 -12.52 -6.36
CA GLN A 178 6.84 -13.06 -5.36
C GLN A 178 6.91 -12.17 -4.10
N THR A 179 5.83 -12.12 -3.31
CA THR A 179 5.76 -11.19 -2.18
C THR A 179 6.54 -11.57 -0.95
N THR A 180 6.89 -12.85 -0.81
CA THR A 180 7.40 -13.36 0.48
C THR A 180 8.86 -13.85 0.45
N LEU A 181 9.61 -13.31 -0.52
CA LEU A 181 10.96 -13.78 -0.73
C LEU A 181 11.94 -13.24 0.28
N SER A 182 13.10 -13.88 0.35
CA SER A 182 14.24 -13.31 1.05
C SER A 182 14.63 -12.04 0.34
N VAL A 183 14.65 -10.92 1.05
CA VAL A 183 15.06 -9.63 0.48
C VAL A 183 16.49 -9.72 0.00
N ASP A 184 17.37 -10.30 0.81
CA ASP A 184 18.78 -10.43 0.42
C ASP A 184 19.01 -11.30 -0.82
N ASP A 185 18.47 -12.53 -0.81
CA ASP A 185 18.53 -13.39 -1.99
C ASP A 185 17.95 -12.77 -3.24
N THR A 186 16.85 -12.05 -3.09
CA THR A 186 16.18 -11.46 -4.23
C THR A 186 17.01 -10.34 -4.82
N SER A 187 17.68 -9.60 -3.95
CA SER A 187 18.63 -8.60 -4.39
C SER A 187 19.73 -9.23 -5.27
N ASP A 188 20.20 -10.42 -4.91
CA ASP A 188 21.23 -11.13 -5.66
C ASP A 188 20.70 -11.49 -7.03
N VAL A 189 19.46 -11.91 -7.10
CA VAL A 189 18.86 -12.24 -8.38
C VAL A 189 18.71 -11.00 -9.28
N ILE A 190 18.30 -9.89 -8.69
CA ILE A 190 18.04 -8.64 -9.42
C ILE A 190 19.32 -8.06 -9.96
N ASP A 191 20.38 -8.12 -9.15
CA ASP A 191 21.75 -7.80 -9.62
C ASP A 191 22.15 -8.57 -10.89
N ALA A 192 22.01 -9.89 -10.86
CA ALA A 192 22.22 -10.74 -12.04
C ALA A 192 21.34 -10.29 -13.21
N LEU A 193 20.04 -10.06 -12.96
CA LEU A 193 19.13 -9.62 -14.01
C LEU A 193 19.54 -8.30 -14.69
N ARG A 194 19.99 -7.32 -13.91
CA ARG A 194 20.28 -6.02 -14.49
C ARG A 194 21.65 -6.02 -15.15
N LYS A 195 22.55 -6.90 -14.68
CA LYS A 195 23.84 -7.14 -15.36
C LYS A 195 23.63 -7.97 -16.63
N ARG A 196 22.87 -9.05 -16.54
CA ARG A 196 22.67 -9.93 -17.67
C ARG A 196 21.80 -9.28 -18.74
N PHE A 197 20.86 -8.43 -18.33
CA PHE A 197 19.93 -7.76 -19.23
C PHE A 197 19.86 -6.28 -18.81
N PRO A 198 20.75 -5.42 -19.37
CA PRO A 198 20.88 -4.02 -18.93
C PRO A 198 19.66 -3.14 -19.08
N LYS A 199 18.81 -3.44 -20.05
CA LYS A 199 17.57 -2.68 -20.33
C LYS A 199 16.30 -3.22 -19.65
N ILE A 200 16.47 -4.13 -18.70
CA ILE A 200 15.30 -4.70 -18.03
C ILE A 200 14.60 -3.67 -17.12
N VAL A 201 13.29 -3.62 -17.21
CA VAL A 201 12.46 -2.70 -16.43
C VAL A 201 11.83 -3.42 -15.20
N GLY A 202 11.71 -2.70 -14.08
CA GLY A 202 11.13 -3.28 -12.88
C GLY A 202 10.72 -2.21 -11.90
N PRO A 203 10.29 -2.62 -10.71
CA PRO A 203 10.02 -1.76 -9.58
C PRO A 203 11.33 -1.20 -9.11
N ARG A 204 11.33 -0.26 -8.18
CA ARG A 204 12.60 0.28 -7.70
C ARG A 204 13.48 -0.85 -7.15
N LYS A 205 12.89 -1.79 -6.43
CA LYS A 205 13.65 -2.90 -5.84
C LYS A 205 12.95 -4.19 -6.18
N ASP A 206 11.81 -4.41 -5.59
CA ASP A 206 11.14 -5.69 -5.78
C ASP A 206 9.67 -5.58 -5.47
N ASP A 207 8.93 -6.70 -5.57
CA ASP A 207 7.52 -6.74 -5.13
C ASP A 207 7.32 -7.42 -3.77
N ILE A 208 8.39 -7.53 -3.00
CA ILE A 208 8.34 -8.07 -1.65
C ILE A 208 7.53 -7.11 -0.76
N CYS A 209 6.49 -7.63 -0.10
CA CYS A 209 5.57 -6.77 0.66
C CYS A 209 6.14 -6.20 1.94
N TYR A 210 5.48 -5.17 2.45
CA TYR A 210 5.86 -4.52 3.70
C TYR A 210 6.00 -5.56 4.81
N ALA A 211 5.10 -6.56 4.86
CA ALA A 211 5.03 -7.53 5.98
C ALA A 211 6.27 -8.44 5.99
N THR A 212 6.64 -8.93 4.83
CA THR A 212 7.87 -9.73 4.65
C THR A 212 9.13 -8.93 4.97
N THR A 213 9.27 -7.75 4.37
CA THR A 213 10.40 -6.88 4.65
C THR A 213 10.51 -6.67 6.16
N ASN A 214 9.40 -6.29 6.80
CA ASN A 214 9.42 -5.96 8.22
C ASN A 214 9.71 -7.19 9.05
N ARG A 215 9.05 -8.30 8.75
CA ARG A 215 9.30 -9.49 9.54
C ARG A 215 10.74 -9.95 9.45
N GLN A 216 11.36 -9.84 8.28
CA GLN A 216 12.77 -10.26 8.12
C GLN A 216 13.72 -9.30 8.83
N GLU A 217 13.37 -8.02 8.86
CA GLU A 217 14.15 -7.07 9.68
C GLU A 217 14.02 -7.34 11.17
N ALA A 218 12.82 -7.69 11.63
CA ALA A 218 12.63 -7.99 13.04
C ALA A 218 13.33 -9.28 13.45
N VAL A 219 13.42 -10.27 12.54
CA VAL A 219 14.04 -11.53 12.92
C VAL A 219 15.56 -11.37 12.89
N ARG A 220 16.07 -10.48 12.03
CA ARG A 220 17.49 -10.15 12.05
C ARG A 220 17.87 -9.47 13.37
N ALA A 221 17.07 -8.49 13.81
CA ALA A 221 17.28 -7.89 15.13
C ALA A 221 17.23 -8.94 16.24
N LEU A 222 16.27 -9.85 16.18
CA LEU A 222 16.10 -10.91 17.16
C LEU A 222 17.33 -11.82 17.20
N ALA A 223 17.79 -12.22 16.01
CA ALA A 223 18.86 -13.19 15.88
C ALA A 223 20.22 -12.63 16.25
N GLU A 224 20.39 -11.31 16.24
CA GLU A 224 21.66 -10.79 16.75
C GLU A 224 21.76 -10.82 18.26
N GLN A 225 20.65 -11.13 18.91
CA GLN A 225 20.56 -11.10 20.34
C GLN A 225 20.47 -12.52 20.90
N ALA A 226 19.81 -13.40 20.13
CA ALA A 226 19.44 -14.73 20.60
C ALA A 226 20.31 -15.82 20.01
N GLU A 227 20.57 -16.86 20.81
CA GLU A 227 21.37 -18.00 20.39
C GLU A 227 20.48 -18.96 19.65
N VAL A 228 19.20 -18.96 20.02
CA VAL A 228 18.22 -19.83 19.42
C VAL A 228 16.98 -19.01 19.03
N VAL A 229 16.50 -19.23 17.81
CA VAL A 229 15.27 -18.59 17.34
C VAL A 229 14.20 -19.61 16.95
N LEU A 230 13.01 -19.48 17.52
CA LEU A 230 11.89 -20.32 17.15
C LEU A 230 10.98 -19.45 16.33
N VAL A 231 10.65 -19.93 15.14
CA VAL A 231 9.74 -19.24 14.27
C VAL A 231 8.45 -20.04 14.25
N VAL A 232 7.33 -19.40 14.61
CA VAL A 232 6.05 -20.09 14.54
C VAL A 232 5.47 -20.00 13.15
N GLY A 233 5.15 -21.16 12.59
CA GLY A 233 4.62 -21.24 11.22
C GLY A 233 4.62 -22.64 10.66
N SER A 234 3.83 -22.87 9.62
CA SER A 234 3.72 -24.16 8.96
C SER A 234 4.78 -24.34 7.86
N LYS A 235 5.06 -25.60 7.54
CA LYS A 235 6.10 -25.98 6.62
C LYS A 235 5.86 -25.44 5.22
N ASN A 236 4.59 -25.34 4.83
CA ASN A 236 4.26 -24.81 3.49
C ASN A 236 4.17 -23.29 3.41
N SER A 237 4.45 -22.60 4.52
CA SER A 237 4.49 -21.10 4.54
C SER A 237 5.84 -20.57 4.11
N SER A 238 5.87 -19.98 2.92
CA SER A 238 7.09 -19.46 2.36
C SER A 238 7.70 -18.36 3.25
N ASN A 239 6.92 -17.36 3.60
CA ASN A 239 7.46 -16.29 4.42
C ASN A 239 8.04 -16.81 5.77
N SER A 240 7.40 -17.80 6.39
CA SER A 240 7.90 -18.38 7.67
C SER A 240 9.20 -19.16 7.49
N ASN A 241 9.32 -19.90 6.40
CA ASN A 241 10.61 -20.53 6.11
C ASN A 241 11.69 -19.47 5.87
N ARG A 242 11.35 -18.37 5.23
CA ARG A 242 12.36 -17.30 5.05
C ARG A 242 12.86 -16.72 6.39
N LEU A 243 11.99 -16.67 7.39
CA LEU A 243 12.38 -16.20 8.72
C LEU A 243 13.38 -17.11 9.37
N ALA A 244 13.09 -18.40 9.35
CA ALA A 244 13.95 -19.40 9.95
C ALA A 244 15.32 -19.45 9.25
N GLU A 245 15.31 -19.38 7.91
CA GLU A 245 16.53 -19.39 7.08
C GLU A 245 17.41 -18.18 7.34
N LEU A 246 16.78 -17.01 7.47
CA LEU A 246 17.50 -15.78 7.79
C LEU A 246 18.28 -15.91 9.10
N ALA A 247 17.62 -16.39 10.16
CA ALA A 247 18.28 -16.57 11.46
C ALA A 247 19.35 -17.68 11.40
N GLN A 248 19.05 -18.76 10.69
CA GLN A 248 19.99 -19.88 10.53
C GLN A 248 21.27 -19.41 9.86
N ARG A 249 21.10 -18.53 8.87
CA ARG A 249 22.19 -17.96 8.10
C ARG A 249 23.09 -17.04 8.88
N MET A 250 22.57 -16.42 9.93
CA MET A 250 23.43 -15.64 10.79
C MET A 250 24.19 -16.48 11.82
N GLY A 251 24.10 -17.80 11.69
CA GLY A 251 24.86 -18.69 12.55
C GLY A 251 24.15 -19.11 13.82
N LYS A 252 22.87 -18.75 13.91
CA LYS A 252 22.05 -19.13 15.05
C LYS A 252 21.34 -20.46 14.79
N ARG A 253 20.96 -21.16 15.86
CA ARG A 253 20.04 -22.30 15.75
C ARG A 253 18.64 -21.72 15.57
N ALA A 254 18.03 -21.96 14.41
CA ALA A 254 16.66 -21.56 14.19
C ALA A 254 15.78 -22.80 13.93
N PHE A 255 14.53 -22.77 14.41
CA PHE A 255 13.62 -23.90 14.18
C PHE A 255 12.26 -23.35 13.81
N LEU A 256 11.69 -23.88 12.73
CA LEU A 256 10.33 -23.56 12.35
C LEU A 256 9.42 -24.55 13.08
N ILE A 257 8.43 -24.06 13.83
CA ILE A 257 7.62 -24.96 14.66
C ILE A 257 6.16 -24.60 14.47
N ASP A 258 5.28 -25.59 14.54
CA ASP A 258 3.85 -25.32 14.42
C ASP A 258 3.25 -24.91 15.75
N ASP A 259 3.70 -25.55 16.84
CA ASP A 259 3.28 -25.18 18.17
C ASP A 259 4.33 -25.51 19.23
N ALA A 260 4.03 -25.14 20.47
CA ALA A 260 4.92 -25.34 21.61
C ALA A 260 5.33 -26.79 21.81
N LYS A 261 4.45 -27.72 21.42
CA LYS A 261 4.74 -29.16 21.52
C LYS A 261 6.02 -29.55 20.79
N ASP A 262 6.32 -28.82 19.71
CA ASP A 262 7.45 -29.12 18.83
C ASP A 262 8.79 -28.75 19.46
N ILE A 263 8.75 -27.92 20.51
CA ILE A 263 9.98 -27.50 21.21
C ILE A 263 10.65 -28.65 21.94
N GLN A 264 11.92 -28.87 21.65
CA GLN A 264 12.67 -29.92 22.31
C GLN A 264 13.63 -29.33 23.33
N GLU A 265 13.68 -29.91 24.53
CA GLU A 265 14.45 -29.32 25.63
C GLU A 265 15.89 -29.11 25.21
N GLU A 266 16.41 -30.04 24.40
CA GLU A 266 17.81 -30.00 23.97
C GLU A 266 18.13 -28.66 23.31
N TRP A 267 17.14 -28.06 22.64
CA TRP A 267 17.29 -26.75 22.00
C TRP A 267 17.48 -25.62 23.00
N VAL A 268 16.79 -25.74 24.14
CA VAL A 268 16.82 -24.74 25.23
C VAL A 268 18.00 -24.92 26.21
N LYS A 269 18.51 -26.15 26.31
CA LYS A 269 19.90 -26.44 26.70
C LYS A 269 20.47 -25.66 27.89
N GLU A 270 21.46 -24.85 27.60
CA GLU A 270 22.02 -23.92 28.56
C GLU A 270 22.12 -22.59 27.81
N VAL A 271 21.10 -22.36 27.00
CA VAL A 271 20.91 -21.14 26.23
C VAL A 271 20.61 -19.97 27.16
N LYS A 272 21.36 -18.88 27.00
CA LYS A 272 21.16 -17.67 27.80
C LYS A 272 20.05 -16.78 27.24
N CYS A 273 19.73 -16.95 25.96
CA CYS A 273 18.77 -16.07 25.30
C CYS A 273 18.12 -16.74 24.10
N VAL A 274 16.79 -16.86 24.17
CA VAL A 274 15.98 -17.46 23.12
C VAL A 274 15.01 -16.42 22.56
N GLY A 275 14.86 -16.43 21.25
CA GLY A 275 13.98 -15.49 20.57
C GLY A 275 12.82 -16.20 19.93
N VAL A 276 11.66 -15.55 19.96
CA VAL A 276 10.51 -16.08 19.28
C VAL A 276 9.90 -15.09 18.30
N THR A 277 9.61 -15.61 17.13
CA THR A 277 8.81 -14.87 16.18
C THR A 277 7.69 -15.74 15.55
N ALA A 278 6.96 -15.14 14.61
CA ALA A 278 5.87 -15.80 13.92
C ALA A 278 5.81 -15.28 12.53
N GLY A 279 5.56 -16.18 11.59
CA GLY A 279 5.30 -15.75 10.22
C GLY A 279 3.93 -15.11 10.07
N ALA A 280 3.66 -14.60 8.87
CA ALA A 280 2.49 -13.76 8.61
C ALA A 280 1.15 -14.48 8.68
N SER A 281 1.18 -15.80 8.73
CA SER A 281 -0.09 -16.55 8.80
C SER A 281 -0.28 -17.22 10.18
N ALA A 282 0.62 -16.95 11.14
CA ALA A 282 0.51 -17.59 12.48
C ALA A 282 -0.15 -16.74 13.59
N PRO A 283 -1.19 -17.29 14.23
CA PRO A 283 -1.94 -16.58 15.26
C PRO A 283 -1.09 -16.40 16.52
N ASP A 284 -1.35 -15.32 17.26
CA ASP A 284 -0.46 -15.02 18.36
C ASP A 284 -0.63 -15.96 19.51
N ILE A 285 -1.79 -16.61 19.63
CA ILE A 285 -1.99 -17.62 20.68
C ILE A 285 -0.83 -18.61 20.66
N LEU A 286 -0.40 -18.99 19.46
CA LEU A 286 0.70 -19.94 19.30
C LEU A 286 2.01 -19.39 19.86
N VAL A 287 2.34 -18.12 19.63
CA VAL A 287 3.55 -17.62 20.27
C VAL A 287 3.42 -17.49 21.77
N GLN A 288 2.23 -17.17 22.25
CA GLN A 288 1.99 -17.19 23.71
C GLN A 288 2.15 -18.60 24.33
N ASN A 289 1.63 -19.62 23.65
CA ASN A 289 1.89 -21.03 24.02
C ASN A 289 3.38 -21.33 24.10
N VAL A 290 4.12 -20.84 23.11
CA VAL A 290 5.58 -21.08 23.01
C VAL A 290 6.28 -20.43 24.17
N VAL A 291 5.87 -19.21 24.51
CA VAL A 291 6.45 -18.51 25.66
C VAL A 291 6.15 -19.25 26.97
N ALA A 292 4.90 -19.69 27.13
CA ALA A 292 4.50 -20.47 28.32
C ALA A 292 5.36 -21.69 28.44
N ARG A 293 5.66 -22.35 27.33
CA ARG A 293 6.49 -23.56 27.37
C ARG A 293 7.93 -23.22 27.74
N LEU A 294 8.47 -22.18 27.12
CA LEU A 294 9.87 -21.74 27.41
C LEU A 294 10.07 -21.34 28.85
N GLN A 295 9.06 -20.71 29.43
CA GLN A 295 9.11 -20.36 30.85
C GLN A 295 9.14 -21.58 31.75
N GLN A 296 8.47 -22.65 31.34
CA GLN A 296 8.52 -23.84 32.15
C GLN A 296 9.87 -24.59 31.99
N LEU A 297 10.61 -24.23 30.93
CA LEU A 297 12.00 -24.69 30.73
C LEU A 297 13.07 -23.70 31.25
N GLY A 298 12.64 -22.77 32.10
CA GLY A 298 13.59 -21.90 32.79
C GLY A 298 13.63 -20.48 32.23
N GLY A 299 12.78 -20.19 31.26
CA GLY A 299 12.66 -18.84 30.68
C GLY A 299 12.05 -17.85 31.65
N GLY A 300 12.40 -16.58 31.50
CA GLY A 300 11.85 -15.52 32.32
C GLY A 300 10.70 -14.84 31.60
N GLU A 301 10.37 -13.69 32.10
CA GLU A 301 9.30 -12.95 31.46
C GLU A 301 9.73 -12.56 30.05
N ALA A 302 8.78 -12.61 29.12
CA ALA A 302 9.01 -12.28 27.70
C ALA A 302 9.33 -10.81 27.53
N ILE A 303 10.39 -10.52 26.86
CA ILE A 303 10.76 -9.15 26.57
C ILE A 303 10.49 -8.87 25.09
N PRO A 304 9.61 -7.89 24.81
CA PRO A 304 9.30 -7.58 23.43
C PRO A 304 10.36 -6.64 22.91
N LEU A 305 10.86 -6.92 21.72
CA LEU A 305 11.79 -6.04 21.05
C LEU A 305 11.00 -4.93 20.37
N GLU A 306 11.62 -3.78 20.22
CA GLU A 306 10.94 -2.62 19.63
C GLU A 306 10.93 -2.79 18.14
N GLY A 307 9.83 -2.38 17.51
CA GLY A 307 9.70 -2.56 16.06
C GLY A 307 9.04 -1.45 15.25
N ARG A 308 9.29 -1.49 13.94
CA ARG A 308 8.59 -0.67 12.94
C ARG A 308 7.07 -0.76 13.14
N GLU A 309 6.39 0.40 13.04
CA GLU A 309 4.93 0.47 13.09
C GLU A 309 4.33 -0.14 11.84
N GLU A 310 3.28 -0.94 12.02
CA GLU A 310 2.50 -1.35 10.87
C GLU A 310 1.10 -0.78 11.04
N ASN A 311 0.56 -0.18 9.99
CA ASN A 311 -0.70 0.51 10.16
C ASN A 311 -1.65 0.23 9.01
N ILE A 312 -1.29 -0.73 8.16
CA ILE A 312 -2.09 -1.03 6.97
C ILE A 312 -3.15 -2.05 7.36
N VAL A 313 -4.39 -1.76 6.94
CA VAL A 313 -5.52 -2.66 7.06
C VAL A 313 -6.13 -2.80 5.67
N PHE A 314 -6.50 -4.03 5.27
CA PHE A 314 -7.27 -4.18 4.05
C PHE A 314 -8.65 -4.70 4.42
N GLU A 315 -9.67 -4.03 3.91
CA GLU A 315 -11.05 -4.29 4.28
C GLU A 315 -11.59 -5.47 3.48
N VAL A 316 -12.51 -6.18 4.12
CA VAL A 316 -13.35 -7.22 3.51
C VAL A 316 -14.22 -6.57 2.42
N PRO A 317 -14.52 -7.29 1.29
CA PRO A 317 -15.47 -6.68 0.33
C PRO A 317 -16.81 -6.31 0.97
N LYS A 318 -17.49 -5.32 0.42
CA LYS A 318 -18.64 -4.79 1.15
C LYS A 318 -19.74 -5.84 1.37
N GLU A 319 -19.87 -6.80 0.45
CA GLU A 319 -20.95 -7.81 0.54
C GLU A 319 -20.74 -8.70 1.76
N LEU A 320 -19.55 -8.67 2.36
CA LEU A 320 -19.20 -9.56 3.45
C LEU A 320 -19.03 -8.86 4.78
N ARG A 321 -19.47 -7.61 4.85
CA ARG A 321 -19.37 -6.92 6.11
C ARG A 321 -20.49 -7.38 7.07
N VAL A 322 -20.17 -7.35 8.35
CA VAL A 322 -20.96 -8.08 9.35
C VAL A 322 -21.41 -7.19 10.53
N MET B 13 -33.26 17.53 -14.91
CA MET B 13 -31.76 17.40 -14.70
C MET B 13 -31.34 16.14 -13.94
N GLN B 14 -30.49 15.34 -14.57
CA GLN B 14 -30.00 14.12 -13.94
C GLN B 14 -28.77 14.42 -13.11
N ILE B 15 -28.68 13.85 -11.92
CA ILE B 15 -27.46 14.03 -11.11
C ILE B 15 -26.70 12.71 -11.04
N LEU B 16 -25.43 12.71 -11.40
CA LEU B 16 -24.58 11.52 -11.34
C LEU B 16 -23.50 11.80 -10.34
N LEU B 17 -23.19 10.79 -9.52
CA LEU B 17 -22.08 10.83 -8.57
C LEU B 17 -20.95 9.92 -8.99
N ALA B 18 -19.72 10.41 -8.91
CA ALA B 18 -18.58 9.59 -9.30
C ALA B 18 -18.22 8.63 -8.18
N ASN B 19 -17.60 7.52 -8.54
CA ASN B 19 -17.03 6.59 -7.57
C ASN B 19 -15.77 5.88 -8.10
N PRO B 20 -14.69 5.87 -7.30
CA PRO B 20 -14.66 6.54 -6.01
C PRO B 20 -14.56 8.07 -6.00
N ARG B 21 -14.80 8.63 -4.82
CA ARG B 21 -14.75 10.07 -4.62
C ARG B 21 -14.51 10.30 -3.13
N GLY B 22 -14.17 11.53 -2.78
CA GLY B 22 -13.99 11.95 -1.40
C GLY B 22 -12.84 11.32 -0.70
N PHE B 23 -12.99 11.17 0.62
CA PHE B 23 -11.90 10.77 1.51
C PHE B 23 -11.12 9.54 1.03
N CYS B 24 -9.81 9.66 1.16
CA CYS B 24 -8.83 8.59 0.91
C CYS B 24 -8.37 8.12 2.27
N ALA B 25 -7.58 7.06 2.27
CA ALA B 25 -7.16 6.45 3.54
C ALA B 25 -6.22 7.37 4.29
N GLY B 26 -5.40 8.11 3.54
CA GLY B 26 -4.49 9.04 4.17
C GLY B 26 -5.14 10.19 4.94
N VAL B 27 -6.14 10.76 4.34
CA VAL B 27 -6.96 11.85 4.89
C VAL B 27 -7.78 11.38 6.08
N ASP B 28 -8.42 10.24 5.95
CA ASP B 28 -9.26 9.74 7.00
C ASP B 28 -8.40 9.57 8.24
N ARG B 29 -7.18 9.09 8.03
CA ARG B 29 -6.26 8.81 9.11
C ARG B 29 -5.77 10.11 9.74
N ALA B 30 -5.40 11.09 8.90
CA ALA B 30 -4.96 12.41 9.36
C ALA B 30 -5.99 13.16 10.21
N ILE B 31 -7.22 13.21 9.75
CA ILE B 31 -8.31 13.83 10.53
C ILE B 31 -8.53 13.08 11.84
N SER B 32 -8.58 11.74 11.82
CA SER B 32 -8.74 11.00 13.09
C SER B 32 -7.57 11.24 14.03
N ILE B 33 -6.38 11.47 13.48
CA ILE B 33 -5.22 11.80 14.30
C ILE B 33 -5.49 13.08 15.11
N VAL B 34 -5.95 14.13 14.44
CA VAL B 34 -6.21 15.39 15.15
C VAL B 34 -7.36 15.25 16.15
N GLU B 35 -8.45 14.62 15.71
CA GLU B 35 -9.64 14.41 16.53
C GLU B 35 -9.32 13.62 17.79
N ASN B 36 -8.56 12.54 17.64
CA ASN B 36 -8.18 11.71 18.79
C ASN B 36 -7.20 12.41 19.72
N ALA B 37 -6.31 13.21 19.14
CA ALA B 37 -5.36 13.98 19.95
C ALA B 37 -6.14 14.94 20.83
N LEU B 38 -7.11 15.64 20.23
CA LEU B 38 -8.05 16.50 20.99
C LEU B 38 -8.90 15.79 22.04
N ALA B 39 -9.50 14.66 21.69
CA ALA B 39 -10.19 13.81 22.66
C ALA B 39 -9.32 13.39 23.86
N ILE B 40 -8.05 13.08 23.61
CA ILE B 40 -7.13 12.52 24.62
C ILE B 40 -6.40 13.58 25.45
N TYR B 41 -5.88 14.60 24.78
CA TYR B 41 -5.09 15.61 25.46
C TYR B 41 -5.83 16.91 25.74
N GLY B 42 -7.05 17.05 25.23
CA GLY B 42 -7.79 18.31 25.35
C GLY B 42 -7.20 19.36 24.43
N ALA B 43 -7.91 20.45 24.20
CA ALA B 43 -7.38 21.57 23.39
C ALA B 43 -6.41 22.42 24.23
N PRO B 44 -5.46 23.11 23.57
CA PRO B 44 -5.22 23.14 22.14
C PRO B 44 -4.33 22.01 21.68
N ILE B 45 -4.46 21.66 20.40
CA ILE B 45 -3.57 20.74 19.73
C ILE B 45 -3.06 21.58 18.58
N TYR B 46 -1.74 21.65 18.42
CA TYR B 46 -1.13 22.42 17.36
C TYR B 46 -0.89 21.57 16.12
N VAL B 47 -1.15 22.12 14.95
CA VAL B 47 -0.96 21.36 13.72
C VAL B 47 -0.21 22.22 12.76
N ARG B 48 0.87 21.68 12.21
CA ARG B 48 1.71 22.40 11.28
C ARG B 48 1.15 22.35 9.86
N HIS B 49 0.64 23.49 9.39
CA HIS B 49 0.00 23.58 8.08
C HIS B 49 -1.41 22.99 8.22
N GLU B 50 -2.31 23.36 7.33
CA GLU B 50 -3.60 22.68 7.25
C GLU B 50 -3.38 21.17 7.25
N VAL B 51 -4.05 20.46 8.15
CA VAL B 51 -3.88 19.00 8.23
C VAL B 51 -4.16 18.30 6.86
N VAL B 52 -5.27 18.71 6.23
CA VAL B 52 -5.60 18.42 4.86
C VAL B 52 -6.07 19.70 4.17
N HIS B 53 -6.01 19.75 2.84
CA HIS B 53 -6.32 20.96 2.11
C HIS B 53 -7.80 21.03 1.88
N ASN B 54 -8.54 21.21 2.96
CA ASN B 54 -9.99 21.39 2.86
C ASN B 54 -10.42 22.35 3.91
N ARG B 55 -10.96 23.48 3.46
CA ARG B 55 -11.37 24.58 4.34
C ARG B 55 -12.39 24.16 5.40
N TYR B 56 -13.42 23.42 4.98
CA TYR B 56 -14.47 22.98 5.87
C TYR B 56 -13.92 22.04 6.96
N VAL B 57 -13.02 21.11 6.63
CA VAL B 57 -12.41 20.30 7.72
C VAL B 57 -11.49 21.09 8.65
N VAL B 58 -10.72 22.04 8.12
CA VAL B 58 -9.81 22.84 8.91
C VAL B 58 -10.63 23.69 9.88
N ASP B 59 -11.70 24.28 9.37
CA ASP B 59 -12.63 25.10 10.18
C ASP B 59 -13.27 24.29 11.29
N SER B 60 -13.79 23.12 10.94
CA SER B 60 -14.38 22.22 11.90
C SER B 60 -13.38 21.82 13.01
N LEU B 61 -12.15 21.55 12.61
CA LEU B 61 -11.13 21.17 13.59
C LEU B 61 -10.65 22.36 14.41
N ARG B 62 -10.52 23.51 13.77
CA ARG B 62 -10.12 24.68 14.55
C ARG B 62 -11.23 25.08 15.52
N GLU B 63 -12.48 24.99 15.07
CA GLU B 63 -13.67 24.99 15.94
C GLU B 63 -13.56 24.09 17.18
N ARG B 64 -12.95 22.92 17.03
CA ARG B 64 -12.90 21.93 18.11
C ARG B 64 -11.65 21.99 18.97
N GLY B 65 -10.78 22.96 18.68
CA GLY B 65 -9.64 23.25 19.52
C GLY B 65 -8.27 23.23 18.87
N ALA B 66 -8.17 22.76 17.64
CA ALA B 66 -6.88 22.72 16.95
C ALA B 66 -6.40 24.14 16.59
N ILE B 67 -5.08 24.38 16.69
CA ILE B 67 -4.47 25.61 16.22
C ILE B 67 -3.51 25.29 15.07
N PHE B 68 -3.79 25.85 13.90
CA PHE B 68 -2.97 25.63 12.73
C PHE B 68 -1.81 26.60 12.62
N ILE B 69 -0.62 26.04 12.41
CA ILE B 69 0.65 26.73 12.69
C ILE B 69 1.52 26.65 11.45
N GLU B 70 2.35 27.68 11.25
CA GLU B 70 3.24 27.67 10.10
C GLU B 70 4.70 27.41 10.50
N GLN B 71 5.13 28.04 11.59
CA GLN B 71 6.48 27.87 12.14
C GLN B 71 6.42 27.16 13.48
N ILE B 72 7.26 26.14 13.65
CA ILE B 72 7.35 25.45 14.94
C ILE B 72 7.69 26.42 16.09
N SER B 73 8.19 27.61 15.74
CA SER B 73 8.36 28.75 16.70
C SER B 73 7.08 29.09 17.43
N GLU B 74 5.95 29.00 16.72
CA GLU B 74 4.68 29.47 17.26
C GLU B 74 4.13 28.51 18.29
N VAL B 75 4.67 27.31 18.30
CA VAL B 75 4.22 26.25 19.21
C VAL B 75 5.01 26.40 20.50
N PRO B 76 4.32 26.40 21.66
CA PRO B 76 5.04 26.56 22.91
C PRO B 76 5.53 25.24 23.51
N ASP B 77 6.49 25.34 24.41
CA ASP B 77 7.07 24.19 25.12
C ASP B 77 6.01 23.32 25.78
N GLY B 78 6.18 22.00 25.69
CA GLY B 78 5.29 21.06 26.34
C GLY B 78 3.97 20.84 25.61
N ALA B 79 3.85 21.35 24.39
CA ALA B 79 2.61 21.19 23.62
C ALA B 79 2.60 19.89 22.80
N ILE B 80 1.42 19.52 22.29
CA ILE B 80 1.28 18.46 21.28
C ILE B 80 1.27 19.11 19.91
N LEU B 81 2.05 18.51 19.00
CA LEU B 81 2.18 19.03 17.66
C LEU B 81 1.98 17.92 16.65
N ILE B 82 1.19 18.22 15.64
CA ILE B 82 0.91 17.25 14.59
C ILE B 82 1.43 17.75 13.23
N PHE B 83 2.13 16.89 12.51
CA PHE B 83 2.53 17.13 11.13
C PHE B 83 1.38 16.75 10.21
N SER B 84 1.17 17.52 9.14
CA SER B 84 0.00 17.36 8.28
C SER B 84 0.16 16.12 7.40
N ALA B 85 -0.94 15.75 6.74
CA ALA B 85 -0.90 14.64 5.83
C ALA B 85 0.14 14.74 4.72
N HIS B 86 0.58 15.96 4.40
CA HIS B 86 1.36 16.21 3.20
C HIS B 86 2.82 15.87 3.40
N GLY B 87 3.20 15.86 4.68
CA GLY B 87 4.52 15.42 5.11
C GLY B 87 5.36 16.65 5.36
N VAL B 88 6.56 16.43 5.88
CA VAL B 88 7.43 17.54 6.26
C VAL B 88 8.85 17.17 5.91
N SER B 89 9.71 18.18 5.84
CA SER B 89 11.12 17.91 5.55
C SER B 89 11.81 17.31 6.78
N GLN B 90 12.99 16.75 6.58
CA GLN B 90 13.79 16.32 7.73
C GLN B 90 14.18 17.49 8.59
N ALA B 91 14.43 18.64 7.97
CA ALA B 91 14.81 19.83 8.76
C ALA B 91 13.74 20.22 9.79
N VAL B 92 12.48 20.16 9.38
CA VAL B 92 11.31 20.48 10.24
C VAL B 92 11.13 19.40 11.31
N ARG B 93 11.13 18.16 10.86
CA ARG B 93 11.11 17.03 11.75
C ARG B 93 12.17 17.08 12.83
N ASN B 94 13.42 17.38 12.44
CA ASN B 94 14.54 17.45 13.37
C ASN B 94 14.48 18.67 14.29
N GLU B 95 13.96 19.79 13.81
CA GLU B 95 13.58 20.92 14.70
C GLU B 95 12.53 20.58 15.78
N ALA B 96 11.48 19.84 15.41
CA ALA B 96 10.49 19.41 16.42
C ALA B 96 11.11 18.51 17.48
N LYS B 97 12.02 17.64 17.06
CA LYS B 97 12.77 16.77 17.99
C LYS B 97 13.73 17.50 18.94
N SER B 98 14.33 18.60 18.46
CA SER B 98 15.24 19.40 19.26
C SER B 98 14.47 20.19 20.34
N ARG B 99 13.14 20.16 20.21
CA ARG B 99 12.23 20.92 21.05
C ARG B 99 11.50 20.03 22.06
N ASP B 100 11.05 20.67 23.13
CA ASP B 100 10.30 20.03 24.16
C ASP B 100 8.86 19.96 23.67
N LEU B 101 8.58 18.98 22.83
CA LEU B 101 7.25 18.80 22.25
C LEU B 101 6.93 17.33 22.12
N THR B 102 5.64 17.01 22.21
CA THR B 102 5.12 15.71 21.80
C THR B 102 4.59 15.83 20.37
N VAL B 103 5.17 15.08 19.45
CA VAL B 103 4.72 15.15 18.06
C VAL B 103 4.09 13.85 17.59
N PHE B 104 2.97 14.00 16.88
CA PHE B 104 2.33 12.92 16.15
C PHE B 104 2.36 13.23 14.67
N ASP B 105 2.60 12.22 13.87
CA ASP B 105 2.87 12.47 12.48
C ASP B 105 1.71 11.93 11.64
N ALA B 106 0.92 12.83 11.03
CA ALA B 106 -0.21 12.45 10.16
C ALA B 106 0.15 12.23 8.71
N THR B 107 1.45 12.31 8.34
CA THR B 107 1.93 12.11 6.97
C THR B 107 1.35 10.81 6.53
N CYS B 108 0.80 10.82 5.31
CA CYS B 108 0.20 9.65 4.66
C CYS B 108 1.36 8.66 4.40
N PRO B 109 1.16 7.39 4.73
CA PRO B 109 2.16 6.40 4.42
C PRO B 109 2.59 6.43 2.97
N LEU B 110 1.72 6.85 2.07
CA LEU B 110 2.05 6.81 0.66
C LEU B 110 3.01 7.94 0.26
N VAL B 111 3.08 8.95 1.11
CA VAL B 111 4.09 10.01 0.95
C VAL B 111 5.41 9.60 1.58
N THR B 112 5.35 9.06 2.79
CA THR B 112 6.52 8.47 3.42
C THR B 112 7.27 7.48 2.55
N LYS B 113 6.55 6.66 1.80
CA LYS B 113 7.14 5.70 0.87
C LYS B 113 8.09 6.38 -0.16
N VAL B 114 7.65 7.52 -0.69
CA VAL B 114 8.49 8.30 -1.61
C VAL B 114 9.67 8.93 -0.84
N HIS B 115 9.41 9.48 0.35
CA HIS B 115 10.48 10.04 1.21
C HIS B 115 11.63 9.07 1.34
N MET B 116 11.29 7.81 1.59
CA MET B 116 12.28 6.78 1.84
C MET B 116 13.18 6.50 0.62
N GLU B 117 12.62 6.65 -0.57
CA GLU B 117 13.40 6.53 -1.80
C GLU B 117 14.28 7.75 -2.08
N VAL B 118 13.81 8.94 -1.72
CA VAL B 118 14.67 10.12 -1.80
C VAL B 118 15.85 9.98 -0.83
N ALA B 119 15.59 9.54 0.41
CA ALA B 119 16.70 9.30 1.36
C ALA B 119 17.72 8.28 0.85
N ARG B 120 17.27 7.17 0.30
CA ARG B 120 18.12 6.19 -0.35
C ARG B 120 19.01 6.81 -1.41
N ALA B 121 18.44 7.60 -2.32
CA ALA B 121 19.25 8.27 -3.34
C ALA B 121 20.28 9.27 -2.77
N SER B 122 19.85 10.07 -1.80
CA SER B 122 20.69 11.03 -1.10
C SER B 122 21.90 10.32 -0.50
N ARG B 123 21.64 9.18 0.13
CA ARG B 123 22.73 8.40 0.71
C ARG B 123 23.81 8.04 -0.30
N ARG B 124 23.37 7.59 -1.47
CA ARG B 124 24.29 7.21 -2.54
C ARG B 124 24.90 8.42 -3.26
N GLY B 125 24.51 9.63 -2.87
CA GLY B 125 24.95 10.82 -3.56
C GLY B 125 24.50 10.85 -5.01
N GLU B 126 23.41 10.15 -5.32
CA GLU B 126 22.92 10.13 -6.68
C GLU B 126 21.87 11.18 -6.81
N GLU B 127 21.93 11.95 -7.88
CA GLU B 127 20.99 13.03 -8.07
C GLU B 127 19.59 12.50 -8.28
N SER B 128 18.61 13.29 -7.85
CA SER B 128 17.20 12.92 -7.94
C SER B 128 16.40 14.00 -8.57
N ILE B 129 15.38 13.57 -9.28
CA ILE B 129 14.45 14.44 -9.93
C ILE B 129 13.06 14.12 -9.44
N LEU B 130 12.46 15.11 -8.78
CA LEU B 130 11.07 15.02 -8.36
C LEU B 130 10.18 15.69 -9.40
N ILE B 131 9.12 14.99 -9.85
CA ILE B 131 8.09 15.59 -10.68
C ILE B 131 6.99 16.11 -9.73
N GLY B 132 6.66 17.39 -9.79
CA GLY B 132 5.71 17.95 -8.83
C GLY B 132 5.43 19.43 -9.01
N HIS B 133 4.57 20.01 -8.17
CA HIS B 133 4.29 21.42 -8.36
C HIS B 133 4.98 22.26 -7.30
N ALA B 134 5.80 23.22 -7.73
CA ALA B 134 6.59 24.09 -6.84
C ALA B 134 5.74 24.74 -5.76
N GLY B 135 6.20 24.72 -4.50
CA GLY B 135 5.49 25.40 -3.38
C GLY B 135 4.45 24.56 -2.66
N HIS B 136 4.14 23.39 -3.19
CA HIS B 136 3.24 22.45 -2.54
C HIS B 136 3.98 21.83 -1.33
N PRO B 137 3.30 21.78 -0.18
CA PRO B 137 3.97 21.24 0.99
C PRO B 137 4.48 19.83 0.80
N GLU B 138 3.79 19.02 0.01
CA GLU B 138 4.30 17.67 -0.24
C GLU B 138 5.63 17.70 -0.98
N VAL B 139 5.76 18.63 -1.92
CA VAL B 139 6.97 18.76 -2.73
C VAL B 139 8.09 19.27 -1.83
N GLU B 140 7.75 20.22 -0.97
CA GLU B 140 8.70 20.77 -0.01
C GLU B 140 9.21 19.68 0.96
N GLY B 141 8.28 18.83 1.40
CA GLY B 141 8.56 17.72 2.29
C GLY B 141 9.44 16.67 1.65
N THR B 142 9.12 16.31 0.43
CA THR B 142 9.87 15.28 -0.29
C THR B 142 11.24 15.80 -0.67
N MET B 143 11.32 16.98 -1.29
CA MET B 143 12.65 17.50 -1.60
C MET B 143 13.48 17.66 -0.38
N GLY B 144 12.82 17.83 0.76
CA GLY B 144 13.48 18.04 2.07
C GLY B 144 13.97 16.74 2.67
N GLN B 145 13.84 15.64 1.94
CA GLN B 145 14.47 14.37 2.36
C GLN B 145 15.84 14.20 1.70
N TYR B 146 16.21 15.13 0.84
CA TYR B 146 17.47 15.02 0.15
C TYR B 146 18.44 15.94 0.82
N SER B 147 19.51 15.39 1.39
CA SER B 147 20.41 16.18 2.23
C SER B 147 21.80 16.45 1.62
N ASN B 148 22.20 15.61 0.65
CA ASN B 148 23.55 15.48 0.10
C ASN B 148 23.99 16.55 -0.93
N PRO B 149 24.80 17.53 -0.50
CA PRO B 149 25.21 18.59 -1.42
C PRO B 149 26.07 18.11 -2.58
N GLU B 150 26.68 16.94 -2.46
CA GLU B 150 27.49 16.39 -3.53
C GLU B 150 26.64 15.80 -4.67
N GLY B 151 25.37 15.50 -4.41
CA GLY B 151 24.42 15.09 -5.46
C GLY B 151 23.54 16.26 -5.83
N GLY B 152 22.22 16.08 -5.82
CA GLY B 152 21.30 17.17 -6.13
C GLY B 152 19.89 16.65 -6.21
N MET B 153 18.95 17.54 -5.95
CA MET B 153 17.51 17.28 -5.93
C MET B 153 16.87 18.33 -6.81
N TYR B 154 16.28 17.95 -7.93
CA TYR B 154 15.84 18.95 -8.89
C TYR B 154 14.38 18.79 -9.04
N LEU B 155 13.66 19.89 -9.25
CA LEU B 155 12.21 19.78 -9.43
C LEU B 155 11.85 20.07 -10.87
N VAL B 156 11.01 19.22 -11.47
CA VAL B 156 10.55 19.46 -12.87
C VAL B 156 9.03 19.42 -12.86
N GLU B 157 8.38 20.20 -13.70
CA GLU B 157 6.95 20.10 -13.79
C GLU B 157 6.46 19.75 -15.17
N SER B 158 7.30 19.92 -16.19
CA SER B 158 6.85 19.75 -17.57
C SER B 158 7.94 19.08 -18.40
N PRO B 159 7.59 18.54 -19.58
CA PRO B 159 8.67 18.12 -20.47
C PRO B 159 9.73 19.17 -20.79
N ASP B 160 9.34 20.43 -20.98
CA ASP B 160 10.34 21.48 -21.19
C ASP B 160 11.38 21.56 -20.08
N ASP B 161 10.96 21.40 -18.82
CA ASP B 161 11.91 21.47 -17.70
C ASP B 161 12.94 20.38 -17.80
N VAL B 162 12.50 19.22 -18.27
CA VAL B 162 13.37 18.07 -18.39
C VAL B 162 14.47 18.33 -19.39
N TRP B 163 14.12 18.88 -20.55
CA TRP B 163 15.09 19.17 -21.60
C TRP B 163 16.09 20.27 -21.27
N LYS B 164 15.84 21.03 -20.21
CA LYS B 164 16.69 22.17 -19.87
C LYS B 164 17.49 21.95 -18.60
N LEU B 165 17.28 20.79 -17.98
CA LEU B 165 17.90 20.45 -16.74
C LEU B 165 19.35 20.09 -16.95
N THR B 166 20.22 20.65 -16.13
CA THR B 166 21.60 20.23 -16.14
C THR B 166 21.86 19.42 -14.88
N VAL B 167 22.55 18.31 -15.07
CA VAL B 167 22.75 17.30 -14.08
C VAL B 167 24.27 17.05 -14.01
N LYS B 168 24.82 16.72 -12.84
CA LYS B 168 26.25 16.43 -12.72
C LYS B 168 26.64 15.09 -13.35
N ASN B 169 25.86 14.05 -13.11
CA ASN B 169 26.15 12.71 -13.61
C ASN B 169 24.87 12.05 -14.10
N GLU B 170 24.59 12.17 -15.40
CA GLU B 170 23.36 11.61 -15.92
C GLU B 170 23.35 10.07 -16.04
N GLU B 171 24.46 9.44 -15.66
CA GLU B 171 24.56 7.99 -15.52
C GLU B 171 23.97 7.48 -14.23
N LYS B 172 23.98 8.34 -13.20
CA LYS B 172 23.45 8.03 -11.87
C LYS B 172 22.31 8.99 -11.53
N LEU B 173 21.09 8.63 -11.92
CA LEU B 173 19.94 9.46 -11.77
C LEU B 173 18.72 8.66 -11.40
N SER B 174 17.92 9.22 -10.50
CA SER B 174 16.66 8.60 -10.17
C SER B 174 15.54 9.64 -10.20
N PHE B 175 14.29 9.19 -10.39
CA PHE B 175 13.15 10.10 -10.32
C PHE B 175 12.06 9.59 -9.38
N MET B 176 11.30 10.57 -8.86
CA MET B 176 10.17 10.37 -7.97
C MET B 176 9.07 11.34 -8.40
N THR B 177 7.89 11.13 -7.83
CA THR B 177 6.70 11.87 -8.23
C THR B 177 5.91 12.31 -6.95
N GLN B 178 5.27 13.47 -7.07
CA GLN B 178 4.21 13.87 -6.17
C GLN B 178 3.00 12.89 -6.35
N THR B 179 2.25 12.65 -5.26
CA THR B 179 1.21 11.61 -5.20
C THR B 179 -0.09 11.93 -5.90
N THR B 180 -0.29 13.21 -6.20
CA THR B 180 -1.60 13.76 -6.62
C THR B 180 -1.59 14.39 -8.04
N LEU B 181 -0.61 14.02 -8.86
CA LEU B 181 -0.46 14.60 -10.21
C LEU B 181 -1.45 14.03 -11.20
N SER B 182 -1.64 14.75 -12.29
CA SER B 182 -2.32 14.20 -13.43
C SER B 182 -1.60 12.96 -13.93
N VAL B 183 -2.30 11.85 -14.08
CA VAL B 183 -1.61 10.62 -14.49
C VAL B 183 -1.03 10.84 -15.91
N ASP B 184 -1.83 11.47 -16.77
CA ASP B 184 -1.46 11.68 -18.17
C ASP B 184 -0.38 12.73 -18.39
N ASP B 185 -0.40 13.83 -17.64
CA ASP B 185 0.68 14.81 -17.77
C ASP B 185 1.99 14.28 -17.24
N THR B 186 1.94 13.47 -16.18
CA THR B 186 3.15 12.93 -15.55
C THR B 186 3.79 11.92 -16.51
N SER B 187 2.95 11.17 -17.18
CA SER B 187 3.42 10.22 -18.20
C SER B 187 4.22 10.91 -19.30
N ASP B 188 3.79 12.09 -19.73
CA ASP B 188 4.57 12.91 -20.69
C ASP B 188 5.88 13.37 -20.09
N VAL B 189 5.89 13.73 -18.81
CA VAL B 189 7.14 14.16 -18.19
C VAL B 189 8.11 12.99 -18.07
N ILE B 190 7.58 11.83 -17.69
CA ILE B 190 8.39 10.63 -17.64
C ILE B 190 8.97 10.24 -19.01
N ASP B 191 8.17 10.29 -20.05
CA ASP B 191 8.67 10.07 -21.39
C ASP B 191 9.89 10.93 -21.71
N ALA B 192 9.83 12.21 -21.36
CA ALA B 192 10.93 13.16 -21.55
C ALA B 192 12.12 12.75 -20.74
N LEU B 193 11.91 12.36 -19.48
CA LEU B 193 13.04 11.96 -18.65
C LEU B 193 13.75 10.73 -19.21
N ARG B 194 12.99 9.73 -19.64
CA ARG B 194 13.58 8.49 -20.14
C ARG B 194 14.28 8.70 -21.46
N LYS B 195 13.85 9.73 -22.17
CA LYS B 195 14.43 10.04 -23.46
C LYS B 195 15.70 10.88 -23.26
N ARG B 196 15.63 11.92 -22.43
CA ARG B 196 16.79 12.76 -22.14
C ARG B 196 17.83 11.96 -21.37
N PHE B 197 17.36 11.17 -20.42
CA PHE B 197 18.23 10.42 -19.53
C PHE B 197 17.90 8.94 -19.57
N PRO B 198 18.44 8.22 -20.59
CA PRO B 198 18.13 6.80 -20.73
C PRO B 198 18.50 5.91 -19.54
N LYS B 199 19.51 6.30 -18.75
CA LYS B 199 19.87 5.50 -17.58
C LYS B 199 19.10 5.80 -16.29
N ILE B 200 18.12 6.69 -16.38
CA ILE B 200 17.37 7.08 -15.19
C ILE B 200 16.62 5.90 -14.57
N VAL B 201 16.62 5.86 -13.24
CA VAL B 201 15.95 4.85 -12.44
C VAL B 201 14.66 5.40 -11.77
N GLY B 202 13.57 4.65 -11.83
CA GLY B 202 12.34 5.10 -11.16
C GLY B 202 11.44 3.95 -10.76
N PRO B 203 10.20 4.25 -10.34
CA PRO B 203 9.29 3.15 -10.06
C PRO B 203 8.83 2.63 -11.41
N ARG B 204 7.91 1.69 -11.42
CA ARG B 204 7.44 1.22 -12.71
C ARG B 204 6.86 2.34 -13.60
N LYS B 205 6.01 3.16 -12.97
CA LYS B 205 5.34 4.26 -13.65
C LYS B 205 5.63 5.52 -12.86
N ASP B 206 5.00 5.71 -11.70
CA ASP B 206 5.10 6.97 -10.99
C ASP B 206 4.82 6.70 -9.53
N ASP B 207 4.80 7.76 -8.71
CA ASP B 207 4.44 7.63 -7.29
C ASP B 207 3.03 8.16 -7.01
N ILE B 208 2.24 8.32 -8.05
CA ILE B 208 0.88 8.82 -7.90
C ILE B 208 0.07 7.75 -7.16
N CYS B 209 -0.64 8.15 -6.13
CA CYS B 209 -1.22 7.14 -5.24
C CYS B 209 -2.47 6.47 -5.82
N TYR B 210 -2.92 5.37 -5.20
CA TYR B 210 -4.16 4.69 -5.61
C TYR B 210 -5.38 5.63 -5.64
N ALA B 211 -5.50 6.50 -4.65
CA ALA B 211 -6.69 7.36 -4.53
C ALA B 211 -6.79 8.36 -5.68
N THR B 212 -5.64 8.93 -6.05
CA THR B 212 -5.50 9.85 -7.18
C THR B 212 -5.80 9.16 -8.48
N THR B 213 -5.14 8.07 -8.74
CA THR B 213 -5.45 7.28 -9.92
C THR B 213 -6.95 6.94 -9.98
N ASN B 214 -7.50 6.43 -8.88
CA ASN B 214 -8.92 6.03 -8.86
C ASN B 214 -9.87 7.21 -9.07
N ARG B 215 -9.61 8.33 -8.42
CA ARG B 215 -10.56 9.43 -8.56
C ARG B 215 -10.52 10.02 -9.99
N GLN B 216 -9.32 10.03 -10.57
CA GLN B 216 -9.16 10.49 -11.96
C GLN B 216 -9.88 9.59 -12.94
N GLU B 217 -9.73 8.30 -12.75
CA GLU B 217 -10.42 7.33 -13.54
C GLU B 217 -11.93 7.51 -13.37
N ALA B 218 -12.38 7.79 -12.15
CA ALA B 218 -13.81 7.99 -11.85
C ALA B 218 -14.36 9.27 -12.43
N VAL B 219 -13.57 10.35 -12.40
CA VAL B 219 -14.05 11.60 -12.99
C VAL B 219 -14.05 11.52 -14.52
N ARG B 220 -13.16 10.73 -15.12
CA ARG B 220 -13.18 10.53 -16.57
C ARG B 220 -14.50 9.87 -16.97
N ALA B 221 -14.91 8.86 -16.21
CA ALA B 221 -16.17 8.15 -16.50
C ALA B 221 -17.37 9.07 -16.28
N LEU B 222 -17.30 9.90 -15.24
CA LEU B 222 -18.35 10.86 -14.91
C LEU B 222 -18.48 11.86 -16.04
N ALA B 223 -17.34 12.36 -16.53
CA ALA B 223 -17.31 13.44 -17.54
C ALA B 223 -17.71 12.96 -18.90
N GLU B 224 -17.64 11.65 -19.07
CA GLU B 224 -18.07 10.99 -20.30
C GLU B 224 -19.60 10.90 -20.40
N GLN B 225 -20.31 11.12 -19.29
CA GLN B 225 -21.79 11.16 -19.26
C GLN B 225 -22.34 12.57 -19.02
N ALA B 226 -21.62 13.36 -18.23
CA ALA B 226 -22.10 14.64 -17.73
C ALA B 226 -21.58 15.78 -18.58
N GLU B 227 -22.46 16.72 -18.88
CA GLU B 227 -22.10 17.92 -19.62
C GLU B 227 -21.35 18.88 -18.73
N VAL B 228 -21.68 18.86 -17.45
CA VAL B 228 -21.10 19.72 -16.43
C VAL B 228 -20.70 18.84 -15.27
N VAL B 229 -19.49 19.10 -14.77
CA VAL B 229 -18.89 18.31 -13.71
C VAL B 229 -18.54 19.29 -12.61
N LEU B 230 -18.97 18.95 -11.39
CA LEU B 230 -18.65 19.78 -10.25
C LEU B 230 -17.71 18.97 -9.41
N VAL B 231 -16.59 19.58 -9.04
CA VAL B 231 -15.64 18.94 -8.16
C VAL B 231 -15.58 19.66 -6.81
N VAL B 232 -15.92 18.95 -5.75
CA VAL B 232 -15.87 19.55 -4.42
C VAL B 232 -14.44 19.47 -3.89
N GLY B 233 -13.85 20.63 -3.64
CA GLY B 233 -12.54 20.70 -3.01
C GLY B 233 -12.08 22.15 -2.92
N SER B 234 -11.05 22.37 -2.09
CA SER B 234 -10.51 23.69 -1.85
C SER B 234 -9.46 24.04 -2.90
N LYS B 235 -9.22 25.33 -3.07
CA LYS B 235 -8.32 25.84 -4.08
C LYS B 235 -6.88 25.38 -3.92
N ASN B 236 -6.47 25.04 -2.69
CA ASN B 236 -5.11 24.59 -2.46
C ASN B 236 -4.95 23.09 -2.48
N SER B 237 -6.03 22.37 -2.74
CA SER B 237 -5.95 20.92 -2.95
C SER B 237 -5.51 20.55 -4.36
N SER B 238 -4.28 20.03 -4.45
CA SER B 238 -3.72 19.55 -5.70
C SER B 238 -4.57 18.51 -6.36
N ASN B 239 -4.89 17.41 -5.67
CA ASN B 239 -5.68 16.37 -6.28
C ASN B 239 -7.07 16.85 -6.78
N SER B 240 -7.68 17.76 -6.04
CA SER B 240 -8.98 18.30 -6.42
C SER B 240 -8.90 19.13 -7.70
N ASN B 241 -7.86 19.96 -7.77
CA ASN B 241 -7.57 20.70 -9.00
C ASN B 241 -7.36 19.80 -10.22
N ARG B 242 -6.67 18.68 -10.04
CA ARG B 242 -6.37 17.76 -11.14
C ARG B 242 -7.65 17.14 -11.65
N LEU B 243 -8.59 16.92 -10.72
CA LEU B 243 -9.89 16.34 -11.07
C LEU B 243 -10.63 17.29 -11.97
N ALA B 244 -10.72 18.54 -11.55
CA ALA B 244 -11.39 19.57 -12.37
C ALA B 244 -10.73 19.74 -13.73
N GLU B 245 -9.40 19.68 -13.77
CA GLU B 245 -8.67 19.95 -15.00
C GLU B 245 -8.89 18.83 -15.99
N LEU B 246 -8.99 17.61 -15.50
CA LEU B 246 -9.18 16.44 -16.32
C LEU B 246 -10.53 16.53 -16.98
N ALA B 247 -11.56 16.73 -16.17
CA ALA B 247 -12.92 16.98 -16.70
C ALA B 247 -13.01 18.13 -17.73
N GLN B 248 -12.36 19.25 -17.42
CA GLN B 248 -12.30 20.41 -18.26
C GLN B 248 -11.59 20.07 -19.59
N ARG B 249 -10.48 19.34 -19.53
CA ARG B 249 -9.81 18.86 -20.74
C ARG B 249 -10.71 18.04 -21.63
N MET B 250 -11.61 17.23 -21.06
CA MET B 250 -12.54 16.53 -21.93
C MET B 250 -13.66 17.42 -22.51
N GLY B 251 -13.53 18.73 -22.30
CA GLY B 251 -14.37 19.72 -22.98
C GLY B 251 -15.70 19.90 -22.27
N LYS B 252 -15.76 19.38 -21.06
CA LYS B 252 -16.90 19.56 -20.20
C LYS B 252 -16.79 20.92 -19.48
N ARG B 253 -17.89 21.42 -18.96
CA ARG B 253 -17.81 22.57 -18.09
C ARG B 253 -17.55 22.05 -16.71
N ALA B 254 -16.33 22.24 -16.23
CA ALA B 254 -15.98 21.71 -14.92
C ALA B 254 -15.65 22.84 -13.98
N PHE B 255 -16.11 22.67 -12.75
CA PHE B 255 -15.94 23.69 -11.74
C PHE B 255 -15.47 23.09 -10.43
N LEU B 256 -14.29 23.51 -9.97
CA LEU B 256 -13.89 23.25 -8.61
C LEU B 256 -14.64 24.18 -7.68
N ILE B 257 -15.35 23.60 -6.71
CA ILE B 257 -16.21 24.33 -5.78
C ILE B 257 -15.94 23.89 -4.35
N ASP B 258 -16.00 24.81 -3.40
CA ASP B 258 -15.79 24.47 -2.00
C ASP B 258 -17.03 23.89 -1.38
N ASP B 259 -18.18 24.44 -1.73
CA ASP B 259 -19.47 23.91 -1.28
C ASP B 259 -20.58 24.33 -2.20
N ALA B 260 -21.79 23.88 -1.86
CA ALA B 260 -23.04 24.15 -2.59
C ALA B 260 -23.28 25.63 -2.90
N LYS B 261 -22.91 26.51 -1.96
CA LYS B 261 -22.98 27.97 -2.15
C LYS B 261 -22.32 28.45 -3.44
N ASP B 262 -21.15 27.89 -3.77
CA ASP B 262 -20.38 28.26 -4.97
C ASP B 262 -21.09 28.01 -6.31
N ILE B 263 -22.06 27.12 -6.30
CA ILE B 263 -22.79 26.78 -7.52
C ILE B 263 -23.54 27.99 -8.09
N GLN B 264 -23.19 28.34 -9.33
CA GLN B 264 -23.87 29.37 -10.10
C GLN B 264 -24.86 28.67 -10.99
N GLU B 265 -26.13 29.00 -10.79
CA GLU B 265 -27.25 28.44 -11.55
C GLU B 265 -27.04 28.48 -13.07
N GLU B 266 -26.29 29.46 -13.57
CA GLU B 266 -25.98 29.57 -14.99
C GLU B 266 -25.23 28.35 -15.53
N TRP B 267 -24.37 27.78 -14.70
CA TRP B 267 -23.54 26.62 -15.11
C TRP B 267 -24.39 25.42 -15.43
N VAL B 268 -25.59 25.38 -14.83
CA VAL B 268 -26.49 24.23 -14.95
C VAL B 268 -27.79 24.50 -15.70
N LYS B 269 -28.00 25.76 -16.12
CA LYS B 269 -29.13 26.11 -16.95
C LYS B 269 -29.16 25.19 -18.18
N GLU B 270 -30.28 24.48 -18.32
CA GLU B 270 -30.61 23.67 -19.49
C GLU B 270 -29.72 22.42 -19.64
N VAL B 271 -29.04 22.05 -18.57
CA VAL B 271 -28.12 20.92 -18.62
C VAL B 271 -28.92 19.65 -18.36
N LYS B 272 -28.77 18.66 -19.24
CA LYS B 272 -29.47 17.38 -19.07
C LYS B 272 -28.84 16.58 -17.94
N CYS B 273 -27.51 16.62 -17.89
CA CYS B 273 -26.80 15.76 -16.95
C CYS B 273 -25.61 16.47 -16.28
N VAL B 274 -25.65 16.55 -14.95
CA VAL B 274 -24.62 17.21 -14.12
C VAL B 274 -23.96 16.15 -13.27
N GLY B 275 -22.62 16.18 -13.16
CA GLY B 275 -21.93 15.17 -12.42
C GLY B 275 -21.30 15.79 -11.21
N VAL B 276 -21.21 15.02 -10.14
CA VAL B 276 -20.53 15.50 -8.94
C VAL B 276 -19.48 14.49 -8.48
N THR B 277 -18.29 15.01 -8.16
CA THR B 277 -17.26 14.24 -7.42
C THR B 277 -16.65 15.10 -6.36
N ALA B 278 -15.69 14.53 -5.62
CA ALA B 278 -15.07 15.24 -4.54
C ALA B 278 -13.64 14.77 -4.54
N GLY B 279 -12.74 15.71 -4.24
CA GLY B 279 -11.33 15.40 -4.04
C GLY B 279 -11.13 14.65 -2.71
N ALA B 280 -9.90 14.17 -2.49
CA ALA B 280 -9.60 13.19 -1.42
C ALA B 280 -9.72 13.82 -0.04
N SER B 281 -9.91 15.12 0.05
CA SER B 281 -9.98 15.72 1.39
C SER B 281 -11.38 16.32 1.70
N ALA B 282 -12.36 16.10 0.83
CA ALA B 282 -13.69 16.71 1.00
C ALA B 282 -14.68 15.70 1.61
N PRO B 283 -15.24 16.05 2.78
CA PRO B 283 -16.21 15.18 3.48
C PRO B 283 -17.49 15.00 2.64
N ASP B 284 -18.16 13.86 2.76
CA ASP B 284 -19.31 13.60 1.89
C ASP B 284 -20.49 14.49 2.21
N ILE B 285 -20.56 14.96 3.44
CA ILE B 285 -21.64 15.91 3.71
C ILE B 285 -21.63 17.09 2.75
N LEU B 286 -20.44 17.51 2.30
CA LEU B 286 -20.37 18.65 1.35
C LEU B 286 -20.93 18.24 0.04
N VAL B 287 -20.74 16.99 -0.35
CA VAL B 287 -21.41 16.59 -1.58
C VAL B 287 -22.89 16.35 -1.42
N GLN B 288 -23.33 15.98 -0.23
CA GLN B 288 -24.76 15.83 -0.04
C GLN B 288 -25.43 17.20 -0.02
N ASN B 289 -24.72 18.23 0.40
CA ASN B 289 -25.23 19.59 0.23
C ASN B 289 -25.29 19.99 -1.23
N VAL B 290 -24.24 19.65 -2.00
CA VAL B 290 -24.28 19.95 -3.44
C VAL B 290 -25.49 19.31 -4.14
N VAL B 291 -25.74 18.04 -3.81
CA VAL B 291 -26.88 17.31 -4.38
C VAL B 291 -28.15 18.01 -4.02
N ALA B 292 -28.29 18.43 -2.76
CA ALA B 292 -29.55 19.07 -2.35
C ALA B 292 -29.73 20.42 -3.05
N ARG B 293 -28.65 21.16 -3.25
CA ARG B 293 -28.77 22.41 -4.01
C ARG B 293 -29.16 22.14 -5.46
N LEU B 294 -28.54 21.15 -6.09
CA LEU B 294 -28.85 20.80 -7.50
C LEU B 294 -30.32 20.38 -7.65
N GLN B 295 -30.88 19.80 -6.60
CA GLN B 295 -32.24 19.27 -6.61
C GLN B 295 -33.27 20.37 -6.49
N GLN B 296 -32.87 21.49 -5.90
CA GLN B 296 -33.74 22.67 -5.96
C GLN B 296 -33.62 23.42 -7.27
N LEU B 297 -32.59 23.09 -8.03
CA LEU B 297 -32.30 23.66 -9.33
C LEU B 297 -32.80 22.79 -10.47
N GLY B 298 -33.58 21.76 -10.16
CA GLY B 298 -34.20 20.93 -11.19
C GLY B 298 -33.73 19.49 -11.23
N GLY B 299 -32.82 19.12 -10.34
CA GLY B 299 -32.24 17.80 -10.40
C GLY B 299 -33.10 16.71 -9.79
N GLY B 300 -32.90 15.48 -10.24
CA GLY B 300 -33.60 14.30 -9.66
C GLY B 300 -32.82 13.65 -8.55
N GLU B 301 -33.19 12.44 -8.16
CA GLU B 301 -32.41 11.63 -7.22
C GLU B 301 -31.00 11.46 -7.77
N ALA B 302 -29.99 11.53 -6.92
CA ALA B 302 -28.63 11.41 -7.40
C ALA B 302 -28.41 9.96 -7.75
N ILE B 303 -27.73 9.71 -8.87
CA ILE B 303 -27.38 8.35 -9.23
C ILE B 303 -25.88 8.15 -9.05
N PRO B 304 -25.49 7.24 -8.15
CA PRO B 304 -24.10 6.86 -8.00
C PRO B 304 -23.66 6.00 -9.18
N LEU B 305 -22.51 6.28 -9.74
CA LEU B 305 -21.92 5.45 -10.77
C LEU B 305 -21.19 4.29 -10.10
N GLU B 306 -20.97 3.22 -10.85
CA GLU B 306 -20.25 2.05 -10.33
C GLU B 306 -18.75 2.32 -10.38
N GLY B 307 -18.02 1.90 -9.36
CA GLY B 307 -16.60 2.24 -9.31
C GLY B 307 -15.74 1.17 -8.69
N ARG B 308 -14.46 1.17 -9.05
CA ARG B 308 -13.39 0.45 -8.36
C ARG B 308 -13.65 0.38 -6.86
N GLU B 309 -13.53 -0.84 -6.30
CA GLU B 309 -13.47 -1.06 -4.83
C GLU B 309 -12.20 -0.41 -4.23
N GLU B 310 -12.33 0.38 -3.16
CA GLU B 310 -11.14 0.75 -2.38
C GLU B 310 -11.20 0.04 -1.04
N ASN B 311 -10.13 -0.66 -0.69
CA ASN B 311 -10.17 -1.41 0.56
C ASN B 311 -9.02 -1.10 1.53
N ILE B 312 -8.24 -0.04 1.25
CA ILE B 312 -7.09 0.31 2.07
C ILE B 312 -7.51 1.22 3.24
N VAL B 313 -7.03 0.86 4.43
CA VAL B 313 -7.19 1.68 5.61
C VAL B 313 -5.80 1.87 6.21
N PHE B 314 -5.54 3.07 6.71
CA PHE B 314 -4.34 3.27 7.52
C PHE B 314 -4.73 3.59 8.96
N GLU B 315 -4.13 2.89 9.90
CA GLU B 315 -4.50 3.04 11.30
C GLU B 315 -3.80 4.25 11.91
N VAL B 316 -4.48 4.85 12.88
CA VAL B 316 -3.95 5.86 13.77
C VAL B 316 -2.81 5.21 14.58
N PRO B 317 -1.78 6.00 15.00
CA PRO B 317 -0.73 5.50 15.87
C PRO B 317 -1.34 4.97 17.16
N LYS B 318 -0.75 3.95 17.77
CA LYS B 318 -1.38 3.30 18.94
C LYS B 318 -1.65 4.29 20.09
N GLU B 319 -0.79 5.30 20.24
CA GLU B 319 -0.90 6.31 21.30
C GLU B 319 -2.13 7.18 21.16
N LEU B 320 -2.73 7.20 19.97
CA LEU B 320 -3.91 8.01 19.73
C LEU B 320 -5.19 7.16 19.56
N ARG B 321 -5.11 5.89 19.90
CA ARG B 321 -6.29 5.01 19.88
C ARG B 321 -7.36 5.36 20.90
N VAL B 322 -8.63 5.23 20.47
CA VAL B 322 -9.86 5.51 21.24
C VAL B 322 -10.10 6.99 21.48
FE1 F3S C . 2.42 -10.11 2.23
FE3 F3S C . 0.43 -11.16 3.78
FE4 F3S C . -0.13 -9.98 1.39
S1 F3S C . 2.50 -12.02 3.40
S2 F3S C . 1.70 -10.22 0.02
S3 F3S C . 0.69 -8.94 3.35
S4 F3S C . -1.08 -11.85 2.28
P1 POP D . 3.21 -17.72 2.07
O1 POP D . 2.92 -17.03 0.80
O2 POP D . 3.52 -19.15 1.77
O3 POP D . 4.25 -17.10 2.94
O POP D . 1.73 -17.86 2.71
P2 POP D . 1.18 -17.49 4.21
O4 POP D . 1.34 -15.98 4.47
O5 POP D . -0.23 -17.92 4.06
O6 POP D . 1.93 -18.37 5.19
P PO4 E . 4.47 -8.05 22.56
O1 PO4 E . 4.73 -8.37 24.03
O2 PO4 E . 5.73 -8.25 21.77
O3 PO4 E . 3.38 -8.95 22.03
O4 PO4 E . 4.05 -6.62 22.35
P PO4 F . -9.08 -25.74 -10.49
O1 PO4 F . -7.58 -26.00 -10.30
O2 PO4 F . -9.33 -24.64 -11.51
O3 PO4 F . -9.76 -27.00 -11.00
O4 PO4 F . -9.64 -25.35 -9.15
P PO4 G . -2.37 -0.62 -20.38
O1 PO4 G . -2.27 -1.82 -21.31
O2 PO4 G . -3.03 0.51 -21.14
O3 PO4 G . -3.18 -0.98 -19.15
O4 PO4 G . -0.98 -0.18 -19.93
P PO4 H . 12.18 -33.18 24.21
O1 PO4 H . 13.69 -32.99 24.10
O2 PO4 H . 11.57 -31.99 24.93
O3 PO4 H . 11.60 -33.36 22.83
O4 PO4 H . 11.82 -34.42 25.00
FE1 F3S I . -1.91 9.90 0.80
FE3 F3S I . -2.87 9.58 -1.69
FE4 F3S I . -4.52 10.45 0.30
S1 F3S I . -0.71 10.27 -1.13
S2 F3S I . -3.15 11.60 1.64
S3 F3S I . -3.60 8.37 0.20
S4 F3S I . -4.44 11.17 -1.85
P1 POP J . -3.21 17.58 -1.86
O1 POP J . -1.95 16.80 -1.71
O2 POP J . -3.04 19.07 -2.06
O3 POP J . -4.17 17.08 -2.89
O POP J . -3.90 17.56 -0.42
P2 POP J . -5.40 17.08 -0.03
O4 POP J . -5.60 15.57 -0.17
O5 POP J . -6.40 17.95 -0.71
O6 POP J . -5.24 17.42 1.37
P PO4 K . 5.75 0.00 -8.49
O1 PO4 K . 7.10 0.41 -9.03
O2 PO4 K . 4.87 1.23 -8.45
O3 PO4 K . 5.01 -1.10 -9.19
O4 PO4 K . 5.94 -0.44 -7.06
P PO4 L . -23.12 6.78 -3.37
O1 PO4 L . -22.62 5.39 -3.08
O2 PO4 L . -22.41 7.30 -4.59
O3 PO4 L . -24.63 6.78 -3.60
O4 PO4 L . -22.82 7.66 -2.20
P PO4 M . 10.51 9.65 13.66
O1 PO4 M . 10.87 9.17 15.06
O2 PO4 M . 11.63 9.39 12.68
O3 PO4 M . 9.33 8.83 13.17
O4 PO4 M . 10.23 11.13 13.74
P PO4 N . 29.82 10.39 -9.26
O1 PO4 N . 30.03 10.77 -7.81
O2 PO4 N . 30.78 11.20 -10.12
O3 PO4 N . 30.10 8.89 -9.38
O4 PO4 N . 28.40 10.67 -9.69
#